data_8AEV
#
_entry.id   8AEV
#
_cell.length_a   211.833
_cell.length_b   211.833
_cell.length_c   116.634
_cell.angle_alpha   90.000
_cell.angle_beta   90.000
_cell.angle_gamma   120.000
#
_symmetry.space_group_name_H-M   'P 61'
#
loop_
_entity.id
_entity.type
_entity.pdbx_description
1 polymer Acetylcholinesterase
2 branched 2-acetamido-2-deoxy-beta-D-glucopyranose-(1-4)-[alpha-L-fucopyranose-(1-6)]2-acetamido-2-deoxy-beta-D-glucopyranose
3 branched 2-acetamido-2-deoxy-beta-D-glucopyranose-(1-4)-2-acetamido-2-deoxy-beta-D-glucopyranose
4 branched 'N-acetyl-alpha-neuraminic acid-(2-3)-beta-D-galactopyranose'
5 non-polymer 1-(2-(2-((6-(dihydroxymethyl)-2-phenylpyrimidin-4-yl)methylene)hydrazineyl)-2-oxoethyl)pyridin-1-ium
6 non-polymer 'SULFATE ION'
7 non-polymer 'CHLORIDE ION'
8 non-polymer 'ZINC ION'
9 non-polymer 'MAGNESIUM ION'
10 water water
#
_entity_poly.entity_id   1
_entity_poly.type   'polypeptide(L)'
_entity_poly.pdbx_seq_one_letter_code
;EGREDAELLVTVRGGRLRGIRLKTPGGPVSAFLGIPFAEPPMGPRRFLPPEPKQPWSGVVDATTFQSVCYQYVDTLYPGF
EGTEMWNPNRELSEDCLYLNVWTPYPRPTSPTPVLVWIYGGGFYSGASSLDVYDGRFLVQAERTVLVSMNYRVGAFGFLA
LPGSREAPGNVGLLDQRLALQWVQENVAAFGGDPTSVTLFGE(TIS)AGAASVGMHLLSPPSRGLFHRAVLQSGAPNGPW
ATVGMGEARRRATQLAHLVGCPPGGTGGNDTELVACLRTRPAQVLVNHEWHVLPQESVFRFSFVPVVDGDFLSDTPEALI
NAGDFHGLQVLVGVVKDEGSYFLVYGAPGFSKDNESLISRAEFLAGVRVGVPQVSDLAAEAVVLHYTDWLHPEDPARLRE
ALSDVVGDHNVVCPVAQLAGRLAAQGARVYAYVFEHRASTLSWPLWMGVPHGYEIEFIFGIPLDPSRNYTAEEKIFAQRL
MRYWANFARTGDPNEPRDPKAPQWPPYTAGAQQYVSLDLRPLEVRRGLRAQACAFWNRFLPKLLSAT
;
_entity_poly.pdbx_strand_id   A,B
#
# COMPACT_ATOMS: atom_id res chain seq x y z
N ASP A 5 -13.68 6.92 62.74
CA ASP A 5 -13.63 8.38 62.76
C ASP A 5 -14.73 8.98 61.87
N ALA A 6 -15.01 10.26 62.11
CA ALA A 6 -16.13 10.97 61.49
C ALA A 6 -15.86 11.40 60.06
N GLU A 7 -14.73 10.99 59.47
CA GLU A 7 -14.47 11.36 58.09
C GLU A 7 -14.97 10.33 57.11
N LEU A 8 -15.43 9.19 57.60
CA LEU A 8 -15.99 8.17 56.74
C LEU A 8 -17.50 8.20 56.69
N LEU A 9 -18.14 9.13 57.42
CA LEU A 9 -19.58 9.33 57.38
C LEU A 9 -19.89 10.57 56.54
N VAL A 10 -20.61 10.37 55.45
CA VAL A 10 -20.91 11.39 54.45
C VAL A 10 -22.39 11.31 54.10
N THR A 11 -22.98 12.46 53.79
CA THR A 11 -24.37 12.54 53.40
C THR A 11 -24.46 13.14 52.01
N VAL A 12 -24.84 12.32 51.03
CA VAL A 12 -25.17 12.80 49.70
C VAL A 12 -26.65 13.11 49.64
N ARG A 13 -27.15 13.47 48.45
CA ARG A 13 -28.50 13.99 48.34
C ARG A 13 -29.53 12.99 48.89
N GLY A 14 -29.36 11.72 48.59
CA GLY A 14 -30.35 10.72 48.95
C GLY A 14 -30.15 9.96 50.24
N GLY A 15 -29.24 10.35 51.12
CA GLY A 15 -29.10 9.68 52.40
C GLY A 15 -27.67 9.68 52.88
N ARG A 16 -27.42 8.93 53.97
CA ARG A 16 -26.12 8.87 54.62
C ARG A 16 -25.33 7.64 54.18
N LEU A 17 -24.01 7.80 54.01
CA LEU A 17 -23.11 6.72 53.66
C LEU A 17 -22.05 6.54 54.74
N ARG A 18 -21.53 5.32 54.86
CA ARG A 18 -20.39 5.01 55.72
C ARG A 18 -19.35 4.28 54.88
N GLY A 19 -18.17 4.88 54.73
CA GLY A 19 -17.13 4.35 53.88
C GLY A 19 -16.02 3.69 54.66
N ILE A 20 -14.85 3.61 54.03
CA ILE A 20 -13.76 2.77 54.48
C ILE A 20 -12.41 3.44 54.22
N ARG A 21 -11.45 3.22 55.14
CA ARG A 21 -10.08 3.69 54.97
C ARG A 21 -9.24 2.64 54.22
N LEU A 22 -8.57 3.04 53.14
CA LEU A 22 -7.69 2.15 52.39
C LEU A 22 -6.24 2.57 52.58
N LYS A 23 -5.39 1.63 52.95
CA LYS A 23 -3.99 1.92 53.24
C LYS A 23 -3.20 1.95 51.94
N THR A 24 -2.34 2.95 51.79
CA THR A 24 -1.43 3.07 50.67
C THR A 24 -0.04 3.35 51.19
N PRO A 25 0.99 2.81 50.55
CA PRO A 25 2.35 3.08 51.03
C PRO A 25 2.63 4.55 51.28
N GLY A 26 1.93 5.45 50.59
CA GLY A 26 2.12 6.87 50.78
C GLY A 26 1.20 7.55 51.78
N GLY A 27 0.28 6.80 52.37
CA GLY A 27 -0.73 7.38 53.23
C GLY A 27 -2.08 6.76 52.96
N PRO A 28 -3.06 7.01 53.83
CA PRO A 28 -4.36 6.38 53.68
C PRO A 28 -5.29 7.22 52.81
N VAL A 29 -6.45 6.63 52.49
CA VAL A 29 -7.42 7.19 51.56
C VAL A 29 -8.82 6.77 51.97
N SER A 30 -9.77 7.71 51.92
CA SER A 30 -11.16 7.41 52.26
C SER A 30 -11.89 6.95 51.00
N ALA A 31 -12.56 5.77 51.06
CA ALA A 31 -13.36 5.28 49.94
C ALA A 31 -14.81 4.98 50.28
N PHE A 32 -15.67 5.15 49.29
CA PHE A 32 -17.11 4.94 49.40
C PHE A 32 -17.54 4.03 48.24
N LEU A 33 -17.68 2.75 48.53
CA LEU A 33 -17.85 1.72 47.51
C LEU A 33 -19.30 1.24 47.49
N GLY A 34 -19.85 1.11 46.29
CA GLY A 34 -21.19 0.59 46.14
C GLY A 34 -22.29 1.59 46.48
N ILE A 35 -22.14 2.83 46.06
CA ILE A 35 -23.17 3.83 46.31
C ILE A 35 -24.27 3.61 45.27
N PRO A 36 -25.50 3.32 45.67
CA PRO A 36 -26.57 3.15 44.67
C PRO A 36 -26.87 4.46 43.95
N PHE A 37 -26.90 4.42 42.62
CA PHE A 37 -27.32 5.60 41.87
C PHE A 37 -28.56 5.36 41.02
N ALA A 38 -29.20 4.20 41.12
CA ALA A 38 -30.37 3.92 40.31
C ALA A 38 -31.23 2.85 40.98
N GLU A 39 -32.56 2.97 40.83
CA GLU A 39 -33.47 1.92 41.24
C GLU A 39 -33.15 0.63 40.47
N PRO A 40 -33.05 -0.51 41.15
CA PRO A 40 -32.58 -1.75 40.50
C PRO A 40 -33.36 -2.08 39.25
N PRO A 41 -32.71 -2.19 38.13
CA PRO A 41 -33.40 -2.35 36.84
C PRO A 41 -33.90 -3.77 36.64
N MET A 42 -34.92 -4.17 37.38
CA MET A 42 -35.32 -5.57 37.42
C MET A 42 -36.77 -5.74 37.00
N GLY A 43 -37.13 -7.00 36.79
CA GLY A 43 -38.44 -7.36 36.35
C GLY A 43 -38.87 -6.51 35.16
N PRO A 44 -39.87 -5.66 35.39
CA PRO A 44 -40.42 -4.86 34.30
C PRO A 44 -39.49 -3.77 33.84
N ARG A 45 -38.50 -3.42 34.63
CA ARG A 45 -37.54 -2.39 34.26
C ARG A 45 -36.32 -2.93 33.54
N ARG A 46 -36.27 -4.22 33.22
CA ARG A 46 -35.23 -4.74 32.34
C ARG A 46 -35.41 -4.17 30.93
N PHE A 47 -34.27 -3.82 30.29
CA PHE A 47 -34.12 -3.17 29.00
C PHE A 47 -34.63 -1.72 28.96
N LEU A 48 -34.98 -1.11 30.12
CA LEU A 48 -35.50 0.24 30.23
C LEU A 48 -34.45 1.18 30.79
N PRO A 49 -34.53 2.45 30.41
CA PRO A 49 -33.56 3.42 30.91
C PRO A 49 -33.58 3.49 32.40
N PRO A 50 -32.44 3.78 33.04
CA PRO A 50 -32.37 3.70 34.50
C PRO A 50 -33.21 4.78 35.14
N GLU A 51 -33.79 4.43 36.29
CA GLU A 51 -34.52 5.36 37.14
C GLU A 51 -33.63 5.79 38.29
N PRO A 52 -33.62 7.09 38.61
CA PRO A 52 -32.78 7.58 39.72
C PRO A 52 -33.17 6.96 41.06
N LYS A 53 -32.17 6.54 41.82
CA LYS A 53 -32.44 5.92 43.11
C LYS A 53 -33.16 6.90 44.03
N GLN A 54 -34.23 6.47 44.68
CA GLN A 54 -34.94 7.33 45.61
C GLN A 54 -34.25 7.33 46.96
N PRO A 55 -34.46 8.36 47.78
CA PRO A 55 -33.71 8.46 49.05
C PRO A 55 -34.05 7.33 50.01
N TRP A 56 -33.11 7.09 50.91
CA TRP A 56 -33.17 5.97 51.85
C TRP A 56 -32.99 6.48 53.28
N SER A 57 -33.55 5.73 54.20
CA SER A 57 -33.32 5.94 55.61
C SER A 57 -32.07 5.19 56.07
N GLY A 58 -31.57 5.56 57.25
CA GLY A 58 -30.38 4.94 57.79
C GLY A 58 -29.10 5.37 57.07
N VAL A 59 -28.11 4.50 57.16
CA VAL A 59 -26.82 4.69 56.51
C VAL A 59 -26.50 3.47 55.66
N VAL A 60 -26.03 3.72 54.43
CA VAL A 60 -25.67 2.66 53.48
C VAL A 60 -24.27 2.16 53.76
N ASP A 61 -24.10 0.85 53.76
CA ASP A 61 -22.76 0.29 53.97
C ASP A 61 -21.99 0.43 52.68
N ALA A 62 -21.21 1.50 52.61
CA ALA A 62 -20.37 1.82 51.46
C ALA A 62 -18.97 1.29 51.61
N THR A 63 -18.80 0.13 52.26
CA THR A 63 -17.47 -0.33 52.60
C THR A 63 -16.97 -1.47 51.72
N THR A 64 -17.71 -1.87 50.69
CA THR A 64 -17.19 -2.89 49.79
C THR A 64 -17.93 -2.87 48.45
N PHE A 65 -17.24 -3.35 47.42
CA PHE A 65 -17.76 -3.31 46.06
C PHE A 65 -19.07 -4.05 45.96
N GLN A 66 -20.04 -3.42 45.29
CA GLN A 66 -21.35 -4.03 45.07
C GLN A 66 -21.23 -5.08 43.95
N SER A 67 -22.36 -5.58 43.45
CA SER A 67 -22.36 -6.74 42.56
C SER A 67 -21.99 -6.36 41.12
N VAL A 68 -21.62 -7.38 40.34
CA VAL A 68 -21.23 -7.22 38.94
C VAL A 68 -22.46 -7.46 38.07
N CYS A 69 -22.68 -6.60 37.08
CA CYS A 69 -23.80 -6.82 36.18
C CYS A 69 -23.69 -8.15 35.45
N TYR A 70 -24.82 -8.82 35.27
CA TYR A 70 -24.85 -10.13 34.62
C TYR A 70 -24.11 -10.08 33.29
N GLN A 71 -23.30 -11.11 33.02
CA GLN A 71 -22.43 -11.12 31.84
C GLN A 71 -21.81 -12.51 31.62
N TYR A 72 -21.39 -12.76 30.38
CA TYR A 72 -20.59 -13.95 30.06
C TYR A 72 -19.28 -13.96 30.84
N VAL A 73 -18.96 -15.10 31.46
CA VAL A 73 -17.68 -15.24 32.17
C VAL A 73 -16.73 -16.11 31.35
N ASP A 74 -15.62 -15.51 30.91
CA ASP A 74 -14.65 -16.15 30.01
C ASP A 74 -14.08 -17.44 30.59
N THR A 75 -14.02 -18.50 29.77
CA THR A 75 -13.43 -19.76 30.23
C THR A 75 -12.50 -20.35 29.20
N LEU A 76 -11.91 -19.53 28.35
CA LEU A 76 -10.97 -20.01 27.36
C LEU A 76 -9.76 -20.67 28.00
N TYR A 77 -9.12 -19.99 28.96
CA TYR A 77 -7.98 -20.53 29.70
C TYR A 77 -8.32 -20.52 31.18
N PRO A 78 -8.97 -21.56 31.70
CA PRO A 78 -9.47 -21.49 33.08
C PRO A 78 -8.33 -21.46 34.09
N GLY A 79 -8.38 -20.47 34.99
CA GLY A 79 -7.40 -20.34 36.04
C GLY A 79 -6.19 -19.50 35.70
N PHE A 80 -6.20 -18.82 34.55
CA PHE A 80 -5.04 -18.12 34.03
C PHE A 80 -5.17 -16.62 34.31
N GLU A 81 -4.12 -16.02 34.91
CA GLU A 81 -4.17 -14.59 35.24
C GLU A 81 -4.57 -13.72 34.06
N GLY A 82 -3.95 -13.94 32.90
CA GLY A 82 -4.20 -13.12 31.73
C GLY A 82 -5.65 -12.97 31.34
N THR A 83 -6.48 -13.95 31.68
CA THR A 83 -7.93 -13.90 31.42
C THR A 83 -8.75 -13.69 32.67
N GLU A 84 -8.39 -14.35 33.79
CA GLU A 84 -9.18 -14.21 35.00
C GLU A 84 -9.25 -12.76 35.48
N MET A 85 -8.22 -11.96 35.20
CA MET A 85 -8.18 -10.59 35.68
C MET A 85 -9.32 -9.73 35.13
N TRP A 86 -9.97 -10.14 34.04
CA TRP A 86 -11.07 -9.37 33.50
C TRP A 86 -12.43 -9.96 33.88
N ASN A 87 -12.45 -10.99 34.69
CA ASN A 87 -13.66 -11.72 35.03
C ASN A 87 -14.28 -11.20 36.31
N PRO A 88 -15.58 -11.44 36.50
CA PRO A 88 -16.27 -10.88 37.66
C PRO A 88 -15.67 -11.39 38.95
N ASN A 89 -15.40 -10.46 39.86
CA ASN A 89 -14.92 -10.75 41.20
C ASN A 89 -15.97 -10.49 42.26
N ARG A 90 -17.22 -10.33 41.88
CA ARG A 90 -18.35 -10.25 42.78
C ARG A 90 -19.45 -11.16 42.23
N GLU A 91 -20.54 -11.27 42.99
CA GLU A 91 -21.69 -12.01 42.51
C GLU A 91 -22.33 -11.28 41.33
N LEU A 92 -22.95 -12.04 40.44
CA LEU A 92 -23.66 -11.45 39.32
C LEU A 92 -25.08 -11.09 39.74
N SER A 93 -25.55 -9.93 39.33
CA SER A 93 -26.88 -9.52 39.73
C SER A 93 -27.40 -8.49 38.74
N GLU A 94 -28.70 -8.52 38.49
CA GLU A 94 -29.26 -7.38 37.81
C GLU A 94 -29.37 -6.17 38.76
N ASP A 95 -29.37 -6.40 40.07
CA ASP A 95 -29.25 -5.31 41.03
C ASP A 95 -27.79 -4.89 41.09
N CYS A 96 -27.37 -4.03 40.12
CA CYS A 96 -25.94 -3.74 39.94
C CYS A 96 -25.59 -2.28 39.73
N LEU A 97 -26.56 -1.36 39.63
CA LEU A 97 -26.30 0.03 39.27
C LEU A 97 -25.84 0.81 40.50
N TYR A 98 -24.57 0.60 40.85
CA TYR A 98 -23.89 1.29 41.92
C TYR A 98 -22.63 1.96 41.35
N LEU A 99 -22.08 2.87 42.16
CA LEU A 99 -20.85 3.58 41.82
C LEU A 99 -19.95 3.68 43.04
N ASN A 100 -18.68 4.04 42.78
CA ASN A 100 -17.64 4.12 43.80
C ASN A 100 -16.97 5.48 43.76
N VAL A 101 -16.45 5.90 44.92
CA VAL A 101 -15.85 7.22 45.10
C VAL A 101 -14.66 7.10 46.05
N TRP A 102 -13.46 7.41 45.53
CA TRP A 102 -12.23 7.54 46.30
C TRP A 102 -11.90 9.02 46.45
N THR A 103 -11.33 9.40 47.59
CA THR A 103 -11.05 10.79 47.94
C THR A 103 -9.92 10.83 48.94
N PRO A 104 -9.06 11.86 48.90
CA PRO A 104 -7.90 11.92 49.80
C PRO A 104 -8.31 11.84 51.26
N TYR A 105 -7.43 11.23 52.09
CA TYR A 105 -7.80 11.02 53.49
C TYR A 105 -8.13 12.32 54.18
N PRO A 106 -7.23 13.28 54.30
CA PRO A 106 -7.70 14.62 54.68
C PRO A 106 -8.58 15.09 53.53
N ARG A 107 -9.90 15.05 53.71
CA ARG A 107 -10.78 15.35 52.59
C ARG A 107 -10.47 16.76 52.09
N PRO A 108 -10.23 16.93 50.80
CA PRO A 108 -9.70 18.22 50.30
C PRO A 108 -10.61 19.39 50.65
N THR A 109 -10.02 20.37 51.32
CA THR A 109 -10.78 21.58 51.64
C THR A 109 -11.00 22.44 50.40
N SER A 110 -10.08 22.43 49.45
CA SER A 110 -10.34 23.13 48.21
C SER A 110 -10.97 22.18 47.19
N PRO A 111 -11.92 22.65 46.38
CA PRO A 111 -12.55 21.78 45.38
C PRO A 111 -11.53 21.29 44.36
N THR A 112 -11.45 19.98 44.23
CA THR A 112 -10.40 19.38 43.44
C THR A 112 -10.98 18.59 42.28
N PRO A 113 -10.26 18.49 41.16
CA PRO A 113 -10.80 17.84 39.96
C PRO A 113 -11.12 16.36 40.16
N VAL A 114 -11.97 15.86 39.28
CA VAL A 114 -12.56 14.54 39.38
C VAL A 114 -12.18 13.75 38.14
N LEU A 115 -11.62 12.58 38.33
CA LEU A 115 -11.54 11.62 37.26
C LEU A 115 -12.68 10.63 37.41
N VAL A 116 -13.37 10.36 36.30
CA VAL A 116 -14.47 9.39 36.26
C VAL A 116 -14.08 8.32 35.27
N TRP A 117 -13.96 7.08 35.73
CA TRP A 117 -13.50 5.96 34.92
C TRP A 117 -14.64 5.09 34.46
N ILE A 118 -14.68 4.79 33.15
CA ILE A 118 -15.67 3.89 32.56
C ILE A 118 -14.95 2.65 32.04
N TYR A 119 -15.21 1.48 32.65
CA TYR A 119 -14.50 0.27 32.23
C TYR A 119 -14.96 -0.18 30.84
N GLY A 120 -14.12 -0.98 30.20
CA GLY A 120 -14.43 -1.59 28.92
C GLY A 120 -14.70 -3.09 29.00
N GLY A 121 -14.79 -3.69 27.81
CA GLY A 121 -15.12 -5.09 27.73
C GLY A 121 -16.15 -5.39 26.66
N GLY A 122 -15.96 -4.82 25.48
CA GLY A 122 -16.79 -5.14 24.33
C GLY A 122 -18.27 -4.88 24.50
N PHE A 123 -18.64 -4.08 25.50
CA PHE A 123 -20.05 -3.84 25.86
C PHE A 123 -20.77 -5.11 26.28
N TYR A 124 -20.04 -6.17 26.61
CA TYR A 124 -20.65 -7.40 27.07
C TYR A 124 -20.12 -7.87 28.42
N SER A 125 -19.11 -7.22 28.98
CA SER A 125 -18.54 -7.67 30.23
C SER A 125 -17.93 -6.49 30.97
N GLY A 126 -17.35 -6.78 32.14
CA GLY A 126 -16.62 -5.75 32.84
C GLY A 126 -17.23 -5.36 34.16
N ALA A 127 -16.46 -4.73 35.02
CA ALA A 127 -16.95 -4.39 36.35
C ALA A 127 -16.01 -3.36 36.96
N SER A 128 -16.59 -2.40 37.67
CA SER A 128 -15.74 -1.41 38.32
C SER A 128 -14.95 -1.99 39.48
N SER A 129 -15.23 -3.23 39.90
CA SER A 129 -14.60 -3.78 41.10
C SER A 129 -13.30 -4.53 40.83
N LEU A 130 -13.04 -4.86 39.56
CA LEU A 130 -11.77 -5.43 39.12
C LEU A 130 -10.58 -4.75 39.80
N ASP A 131 -9.57 -5.56 40.09
CA ASP A 131 -8.43 -5.08 40.87
C ASP A 131 -7.55 -4.11 40.11
N VAL A 132 -7.56 -4.13 38.78
CA VAL A 132 -6.76 -3.14 38.05
C VAL A 132 -7.43 -1.78 37.96
N TYR A 133 -8.60 -1.60 38.56
CA TYR A 133 -9.24 -0.30 38.60
C TYR A 133 -9.18 0.33 39.99
N ASP A 134 -8.49 -0.30 40.93
CA ASP A 134 -8.43 0.19 42.31
C ASP A 134 -8.01 1.65 42.31
N GLY A 135 -8.93 2.54 42.66
CA GLY A 135 -8.63 3.97 42.57
C GLY A 135 -7.69 4.50 43.63
N ARG A 136 -7.22 3.66 44.57
CA ARG A 136 -6.58 4.22 45.76
C ARG A 136 -5.22 4.82 45.44
N PHE A 137 -4.56 4.37 44.38
CA PHE A 137 -3.22 4.85 44.15
C PHE A 137 -3.23 6.21 43.46
N LEU A 138 -4.12 6.40 42.48
CA LEU A 138 -4.33 7.70 41.88
C LEU A 138 -4.50 8.78 42.92
N VAL A 139 -5.56 8.68 43.71
CA VAL A 139 -5.92 9.79 44.58
C VAL A 139 -4.83 10.02 45.62
N GLN A 140 -4.30 8.94 46.20
CA GLN A 140 -3.26 9.10 47.23
C GLN A 140 -2.06 9.86 46.70
N ALA A 141 -1.66 9.57 45.46
CA ALA A 141 -0.48 10.14 44.83
C ALA A 141 -0.73 11.54 44.25
N GLU A 142 -1.83 11.73 43.51
CA GLU A 142 -2.07 13.01 42.87
C GLU A 142 -3.13 13.86 43.55
N ARG A 143 -3.76 13.35 44.61
CA ARG A 143 -4.75 14.09 45.39
C ARG A 143 -5.83 14.66 44.47
N THR A 144 -6.54 13.74 43.83
CA THR A 144 -7.73 14.00 43.03
C THR A 144 -8.87 13.13 43.57
N VAL A 145 -10.07 13.21 42.99
CA VAL A 145 -11.16 12.31 43.35
C VAL A 145 -11.52 11.47 42.13
N LEU A 146 -11.71 10.18 42.37
CA LEU A 146 -11.86 9.17 41.35
C LEU A 146 -13.24 8.55 41.55
N VAL A 147 -13.99 8.42 40.45
CA VAL A 147 -15.34 7.86 40.49
C VAL A 147 -15.45 6.79 39.40
N SER A 148 -15.98 5.63 39.76
CA SER A 148 -16.28 4.59 38.78
C SER A 148 -17.66 4.05 39.09
N MET A 149 -18.36 3.63 38.05
CA MET A 149 -19.69 3.06 38.22
C MET A 149 -19.84 1.79 37.38
N ASN A 150 -20.81 0.96 37.75
CA ASN A 150 -21.17 -0.13 36.87
C ASN A 150 -22.25 0.37 35.91
N TYR A 151 -22.34 -0.28 34.76
CA TYR A 151 -23.41 -0.03 33.82
C TYR A 151 -23.75 -1.36 33.17
N ARG A 152 -25.03 -1.58 32.90
CA ARG A 152 -25.46 -2.82 32.28
C ARG A 152 -24.69 -3.13 31.00
N VAL A 153 -24.35 -4.40 30.81
CA VAL A 153 -23.74 -4.85 29.56
C VAL A 153 -24.60 -5.94 28.94
N GLY A 154 -24.11 -6.54 27.85
CA GLY A 154 -24.85 -7.59 27.16
C GLY A 154 -26.22 -7.13 26.71
N ALA A 155 -27.18 -8.07 26.64
CA ALA A 155 -28.52 -7.65 26.26
C ALA A 155 -29.15 -6.73 27.31
N PHE A 156 -28.78 -6.91 28.59
CA PHE A 156 -29.32 -6.05 29.64
C PHE A 156 -29.00 -4.60 29.38
N GLY A 157 -27.85 -4.32 28.75
CA GLY A 157 -27.43 -2.96 28.48
C GLY A 157 -27.84 -2.42 27.11
N PHE A 158 -27.91 -3.31 26.09
CA PHE A 158 -27.89 -2.82 24.71
C PHE A 158 -28.77 -3.57 23.75
N LEU A 159 -29.50 -4.59 24.20
CA LEU A 159 -30.53 -5.16 23.34
C LEU A 159 -31.46 -4.05 22.88
N ALA A 160 -31.75 -3.99 21.59
CA ALA A 160 -32.64 -2.94 21.11
C ALA A 160 -33.59 -3.44 20.03
N LEU A 161 -34.87 -3.11 20.19
CA LEU A 161 -35.84 -3.13 19.10
C LEU A 161 -36.10 -1.69 18.76
N PRO A 162 -35.33 -1.10 17.88
CA PRO A 162 -35.29 0.38 17.81
C PRO A 162 -36.64 0.93 17.41
N GLY A 163 -37.12 1.86 18.21
CA GLY A 163 -38.50 2.34 18.07
C GLY A 163 -39.31 2.09 19.32
N SER A 164 -39.63 0.82 19.56
CA SER A 164 -40.45 0.38 20.69
C SER A 164 -40.10 1.10 21.99
N ARG A 165 -41.14 1.47 22.73
CA ARG A 165 -40.90 2.02 24.06
C ARG A 165 -40.23 1.01 24.96
N GLU A 166 -40.33 -0.28 24.64
CA GLU A 166 -40.01 -1.35 25.58
C GLU A 166 -38.54 -1.69 25.61
N ALA A 167 -37.89 -1.78 24.45
CA ALA A 167 -36.46 -2.03 24.37
C ALA A 167 -35.88 -1.00 23.41
N PRO A 168 -35.59 0.21 23.91
CA PRO A 168 -35.23 1.32 23.04
C PRO A 168 -33.74 1.43 22.70
N GLY A 169 -32.89 0.65 23.36
CA GLY A 169 -31.48 0.62 23.09
C GLY A 169 -30.67 1.49 24.04
N ASN A 170 -29.37 1.24 24.07
CA ASN A 170 -28.40 2.15 24.69
C ASN A 170 -28.69 2.45 26.16
N VAL A 171 -29.45 1.62 26.87
CA VAL A 171 -29.69 1.97 28.27
C VAL A 171 -28.39 1.84 29.09
N GLY A 172 -27.44 1.01 28.64
CA GLY A 172 -26.16 0.98 29.32
C GLY A 172 -25.46 2.32 29.24
N LEU A 173 -25.59 2.98 28.08
CA LEU A 173 -25.08 4.34 27.93
C LEU A 173 -25.83 5.30 28.84
N LEU A 174 -27.17 5.17 28.90
CA LEU A 174 -27.94 6.01 29.82
C LEU A 174 -27.58 5.72 31.27
N ASP A 175 -27.32 4.46 31.62
CA ASP A 175 -26.76 4.16 32.93
C ASP A 175 -25.58 5.08 33.23
N GLN A 176 -24.63 5.17 32.29
CA GLN A 176 -23.43 5.97 32.51
C GLN A 176 -23.78 7.44 32.71
N ARG A 177 -24.58 7.99 31.80
CA ARG A 177 -25.00 9.38 31.93
C ARG A 177 -25.62 9.66 33.29
N LEU A 178 -26.52 8.78 33.75
CA LEU A 178 -27.15 9.00 35.05
C LEU A 178 -26.10 9.08 36.16
N ALA A 179 -25.09 8.21 36.11
CA ALA A 179 -24.05 8.29 37.12
C ALA A 179 -23.27 9.60 37.02
N LEU A 180 -23.06 10.12 35.81
CA LEU A 180 -22.43 11.44 35.72
C LEU A 180 -23.33 12.51 36.35
N GLN A 181 -24.63 12.43 36.10
CA GLN A 181 -25.57 13.33 36.76
C GLN A 181 -25.45 13.23 38.28
N TRP A 182 -25.29 12.01 38.78
CA TRP A 182 -25.06 11.86 40.21
C TRP A 182 -23.77 12.57 40.62
N VAL A 183 -22.74 12.52 39.76
CA VAL A 183 -21.48 13.18 40.10
C VAL A 183 -21.70 14.68 40.19
N GLN A 184 -22.41 15.26 39.21
CA GLN A 184 -22.67 16.69 39.22
C GLN A 184 -23.30 17.12 40.54
N GLU A 185 -24.25 16.33 41.05
CA GLU A 185 -24.99 16.70 42.24
C GLU A 185 -24.32 16.31 43.56
N ASN A 186 -23.42 15.35 43.56
CA ASN A 186 -22.94 14.82 44.83
C ASN A 186 -21.42 14.81 44.98
N VAL A 187 -20.66 15.00 43.90
CA VAL A 187 -19.21 14.86 44.02
C VAL A 187 -18.69 15.87 45.02
N ALA A 188 -19.37 17.01 45.15
CA ALA A 188 -18.91 18.09 46.02
C ALA A 188 -18.94 17.69 47.48
N ALA A 189 -19.79 16.74 47.86
CA ALA A 189 -19.79 16.27 49.24
C ALA A 189 -18.48 15.56 49.63
N PHE A 190 -17.71 15.08 48.66
CA PHE A 190 -16.47 14.35 48.93
C PHE A 190 -15.23 15.19 48.74
N GLY A 191 -15.36 16.45 48.33
CA GLY A 191 -14.23 17.30 48.03
C GLY A 191 -14.07 17.61 46.56
N GLY A 192 -14.76 16.88 45.68
CA GLY A 192 -14.54 17.05 44.26
C GLY A 192 -15.21 18.30 43.71
N ASP A 193 -14.60 18.84 42.66
CA ASP A 193 -15.07 20.02 41.97
C ASP A 193 -15.93 19.59 40.78
N PRO A 194 -17.23 19.85 40.78
CA PRO A 194 -18.06 19.45 39.63
C PRO A 194 -17.74 20.21 38.37
N THR A 195 -16.85 21.21 38.41
CA THR A 195 -16.50 21.92 37.20
C THR A 195 -15.11 21.57 36.72
N SER A 196 -14.54 20.44 37.19
CA SER A 196 -13.41 19.80 36.53
C SER A 196 -13.61 18.28 36.58
N VAL A 197 -14.48 17.76 35.71
CA VAL A 197 -14.74 16.32 35.65
C VAL A 197 -14.16 15.83 34.35
N THR A 198 -13.23 14.89 34.44
CA THR A 198 -12.56 14.30 33.29
C THR A 198 -12.96 12.84 33.12
N LEU A 199 -13.52 12.51 31.96
CA LEU A 199 -13.86 11.14 31.63
C LEU A 199 -12.62 10.39 31.11
N PHE A 200 -12.42 9.15 31.58
CA PHE A 200 -11.41 8.30 30.96
C PHE A 200 -11.85 6.85 31.04
N GLY A 201 -11.53 6.10 29.99
CA GLY A 201 -11.93 4.71 29.89
C GLY A 201 -11.19 4.03 28.77
N GLU A 202 -11.14 2.70 28.87
CA GLU A 202 -10.37 1.89 27.94
C GLU A 202 -11.27 0.95 27.14
N ALA A 204 -14.13 -0.63 25.17
CA ALA A 204 -15.52 -0.14 25.00
C ALA A 204 -15.80 1.03 25.96
N GLY A 205 -15.06 1.07 27.07
CA GLY A 205 -15.06 2.25 27.90
C GLY A 205 -14.70 3.50 27.13
N ALA A 206 -13.64 3.42 26.31
CA ALA A 206 -13.25 4.57 25.50
C ALA A 206 -14.32 4.89 24.45
N ALA A 207 -14.90 3.87 23.81
CA ALA A 207 -15.97 4.16 22.85
C ALA A 207 -17.14 4.87 23.54
N SER A 208 -17.43 4.47 24.78
CA SER A 208 -18.48 5.14 25.54
C SER A 208 -18.14 6.61 25.71
N VAL A 209 -16.93 6.90 26.22
CA VAL A 209 -16.48 8.29 26.34
C VAL A 209 -16.71 9.02 25.03
N GLY A 210 -16.31 8.41 23.92
CA GLY A 210 -16.51 9.04 22.63
C GLY A 210 -17.97 9.35 22.36
N MET A 211 -18.86 8.44 22.78
CA MET A 211 -20.27 8.67 22.49
C MET A 211 -20.84 9.79 23.37
N HIS A 212 -20.33 9.92 24.61
CA HIS A 212 -20.71 11.08 25.41
C HIS A 212 -20.24 12.38 24.75
N LEU A 213 -19.06 12.37 24.09
CA LEU A 213 -18.59 13.55 23.36
C LEU A 213 -19.58 13.98 22.29
N LEU A 214 -20.29 13.02 21.70
CA LEU A 214 -21.21 13.27 20.60
C LEU A 214 -22.67 13.24 21.01
N SER A 215 -22.98 13.20 22.30
CA SER A 215 -24.38 13.18 22.74
C SER A 215 -24.67 14.43 23.56
N PRO A 216 -25.36 15.40 22.99
CA PRO A 216 -25.48 16.73 23.60
C PRO A 216 -25.94 16.69 25.05
N PRO A 217 -26.92 15.84 25.41
CA PRO A 217 -27.30 15.76 26.84
C PRO A 217 -26.20 15.28 27.78
N SER A 218 -25.17 14.61 27.27
CA SER A 218 -24.06 14.21 28.15
C SER A 218 -22.98 15.29 28.24
N ARG A 219 -22.85 16.11 27.20
CA ARG A 219 -21.73 17.03 27.04
C ARG A 219 -21.94 18.27 27.91
N GLY A 220 -22.54 18.11 29.07
CA GLY A 220 -22.52 19.14 30.07
C GLY A 220 -22.19 18.54 31.41
N LEU A 221 -21.87 17.25 31.40
CA LEU A 221 -21.56 16.55 32.64
C LEU A 221 -20.07 16.34 32.82
N PHE A 222 -19.27 16.80 31.87
CA PHE A 222 -17.83 16.66 31.93
C PHE A 222 -17.20 17.71 31.03
N HIS A 223 -15.90 17.94 31.24
CA HIS A 223 -15.19 18.99 30.54
C HIS A 223 -14.00 18.52 29.72
N ARG A 224 -13.51 17.29 29.94
CA ARG A 224 -12.34 16.74 29.24
C ARG A 224 -12.49 15.24 29.14
N ALA A 225 -11.80 14.67 28.15
CA ALA A 225 -12.00 13.28 27.77
C ALA A 225 -10.66 12.59 27.51
N VAL A 226 -10.53 11.35 27.98
CA VAL A 226 -9.35 10.52 27.71
C VAL A 226 -9.83 9.20 27.12
N LEU A 227 -9.45 8.92 25.88
CA LEU A 227 -9.85 7.68 25.21
C LEU A 227 -8.62 6.80 25.05
N GLN A 228 -8.63 5.64 25.70
CA GLN A 228 -7.52 4.70 25.60
C GLN A 228 -7.97 3.46 24.81
N SER A 229 -7.30 3.22 23.68
CA SER A 229 -7.50 2.00 22.88
C SER A 229 -8.97 1.74 22.52
N GLY A 230 -9.68 2.79 22.11
CA GLY A 230 -11.05 2.60 21.66
C GLY A 230 -11.62 3.91 21.14
N ALA A 231 -12.66 3.78 20.33
CA ALA A 231 -13.23 4.97 19.72
C ALA A 231 -14.65 4.67 19.27
N PRO A 232 -15.60 5.61 19.40
CA PRO A 232 -16.98 5.30 19.01
C PRO A 232 -17.13 4.96 17.54
N ASN A 233 -16.20 5.39 16.69
CA ASN A 233 -16.34 5.11 15.27
C ASN A 233 -15.78 3.76 14.86
N GLY A 234 -15.17 3.01 15.77
CA GLY A 234 -14.71 1.67 15.42
C GLY A 234 -15.75 0.73 14.82
N PRO A 235 -15.30 -0.21 13.99
CA PRO A 235 -16.21 -1.19 13.36
C PRO A 235 -17.03 -2.03 14.34
N TRP A 236 -16.66 -2.08 15.62
CA TRP A 236 -17.35 -2.95 16.53
C TRP A 236 -18.26 -2.22 17.51
N ALA A 237 -18.21 -0.89 17.55
CA ALA A 237 -18.86 -0.16 18.63
C ALA A 237 -20.27 0.31 18.32
N THR A 238 -20.78 0.21 17.09
CA THR A 238 -22.20 0.47 16.92
C THR A 238 -22.75 -0.49 15.89
N VAL A 239 -24.07 -0.75 15.97
CA VAL A 239 -24.84 -1.49 14.97
C VAL A 239 -25.95 -0.59 14.45
N GLY A 240 -26.43 -0.94 13.24
CA GLY A 240 -27.56 -0.26 12.65
C GLY A 240 -28.87 -0.75 13.22
N MET A 241 -29.90 0.10 13.16
CA MET A 241 -31.19 -0.28 13.69
C MET A 241 -31.61 -1.65 13.17
N GLY A 242 -31.66 -1.79 11.84
CA GLY A 242 -32.08 -3.05 11.25
C GLY A 242 -31.28 -4.23 11.76
N GLU A 243 -29.97 -4.07 11.88
CA GLU A 243 -29.18 -5.18 12.41
C GLU A 243 -29.51 -5.48 13.87
N ALA A 244 -29.72 -4.45 14.70
CA ALA A 244 -29.95 -4.72 16.11
C ALA A 244 -31.27 -5.46 16.33
N ARG A 245 -32.32 -5.04 15.65
CA ARG A 245 -33.57 -5.78 15.72
C ARG A 245 -33.38 -7.21 15.24
N ARG A 246 -32.59 -7.39 14.18
CA ARG A 246 -32.28 -8.72 13.67
C ARG A 246 -31.64 -9.58 14.77
N ARG A 247 -30.76 -8.98 15.58
CA ARG A 247 -30.13 -9.75 16.65
C ARG A 247 -31.07 -9.96 17.84
N ALA A 248 -31.79 -8.93 18.28
CA ALA A 248 -32.73 -9.12 19.38
C ALA A 248 -33.80 -10.16 19.02
N THR A 249 -34.23 -10.15 17.77
CA THR A 249 -35.27 -11.11 17.41
C THR A 249 -34.72 -12.52 17.37
N GLN A 250 -33.45 -12.69 16.99
CA GLN A 250 -32.89 -14.04 17.01
C GLN A 250 -32.76 -14.56 18.43
N LEU A 251 -32.16 -13.76 19.31
CA LEU A 251 -32.02 -14.18 20.71
C LEU A 251 -33.37 -14.57 21.29
N ALA A 252 -34.44 -13.91 20.89
CA ALA A 252 -35.75 -14.28 21.42
C ALA A 252 -36.19 -15.63 20.88
N HIS A 253 -35.87 -15.93 19.62
CA HIS A 253 -36.13 -17.28 19.11
C HIS A 253 -35.22 -18.31 19.79
N LEU A 254 -33.95 -17.97 19.99
CA LEU A 254 -33.04 -18.88 20.68
C LEU A 254 -33.61 -19.34 22.01
N VAL A 255 -34.30 -18.43 22.71
CA VAL A 255 -34.67 -18.62 24.12
C VAL A 255 -36.13 -19.06 24.28
N GLY A 256 -36.87 -19.17 23.19
CA GLY A 256 -38.19 -19.72 23.20
C GLY A 256 -39.26 -18.66 23.28
N CYS A 257 -39.09 -17.56 22.55
CA CYS A 257 -40.01 -16.43 22.65
C CYS A 257 -40.76 -16.16 21.38
N PRO A 258 -42.03 -16.63 21.27
CA PRO A 258 -42.99 -16.20 20.25
C PRO A 258 -43.06 -14.67 20.19
N ASN A 265 -44.79 -8.80 16.50
CA ASN A 265 -45.16 -7.82 17.51
C ASN A 265 -44.05 -7.63 18.56
N ASP A 266 -43.70 -6.37 18.85
CA ASP A 266 -42.54 -6.07 19.67
C ASP A 266 -42.83 -5.99 21.15
N THR A 267 -43.94 -5.38 21.56
CA THR A 267 -44.26 -5.39 22.98
C THR A 267 -44.34 -6.81 23.48
N GLU A 268 -45.00 -7.68 22.71
CA GLU A 268 -45.03 -9.12 22.98
C GLU A 268 -43.63 -9.69 23.21
N LEU A 269 -42.75 -9.50 22.23
CA LEU A 269 -41.42 -10.09 22.31
C LEU A 269 -40.70 -9.71 23.60
N VAL A 270 -40.64 -8.41 23.92
CA VAL A 270 -39.86 -8.02 25.09
C VAL A 270 -40.53 -8.53 26.37
N ALA A 271 -41.87 -8.63 26.38
CA ALA A 271 -42.54 -9.17 27.55
C ALA A 271 -42.03 -10.56 27.87
N CYS A 272 -41.99 -11.43 26.85
CA CYS A 272 -41.49 -12.81 27.00
C CYS A 272 -40.02 -12.83 27.42
N LEU A 273 -39.16 -12.03 26.78
CA LEU A 273 -37.78 -11.93 27.23
C LEU A 273 -37.69 -11.50 28.69
N ARG A 274 -38.63 -10.69 29.18
CA ARG A 274 -38.49 -10.28 30.58
C ARG A 274 -38.81 -11.41 31.54
N THR A 275 -39.40 -12.50 31.07
CA THR A 275 -39.79 -13.60 31.93
C THR A 275 -38.69 -14.62 32.16
N ARG A 276 -37.50 -14.40 31.60
CA ARG A 276 -36.43 -15.40 31.54
C ARG A 276 -35.34 -15.10 32.54
N PRO A 277 -34.91 -16.09 33.33
CA PRO A 277 -33.77 -15.88 34.21
C PRO A 277 -32.64 -15.22 33.45
N ALA A 278 -31.99 -14.25 34.09
CA ALA A 278 -30.96 -13.51 33.39
C ALA A 278 -29.90 -14.46 32.84
N GLN A 279 -29.60 -15.53 33.59
CA GLN A 279 -28.55 -16.46 33.17
C GLN A 279 -28.88 -17.10 31.84
N VAL A 280 -30.16 -17.31 31.58
CA VAL A 280 -30.57 -17.97 30.35
C VAL A 280 -30.25 -17.10 29.16
N LEU A 281 -30.45 -15.79 29.29
CA LEU A 281 -30.07 -14.90 28.22
C LEU A 281 -28.56 -14.95 27.99
N VAL A 282 -27.78 -14.75 29.06
CA VAL A 282 -26.33 -14.72 28.94
C VAL A 282 -25.81 -15.94 28.17
N ASN A 283 -26.40 -17.11 28.41
CA ASN A 283 -25.91 -18.33 27.78
C ASN A 283 -26.28 -18.47 26.31
N HIS A 284 -26.91 -17.47 25.71
CA HIS A 284 -27.19 -17.51 24.29
C HIS A 284 -26.66 -16.30 23.57
N GLU A 285 -25.89 -15.47 24.28
CA GLU A 285 -25.53 -14.16 23.75
C GLU A 285 -24.68 -14.30 22.48
N TRP A 286 -23.57 -15.04 22.57
CA TRP A 286 -22.68 -15.16 21.43
C TRP A 286 -23.33 -15.89 20.27
N HIS A 287 -24.38 -16.66 20.52
CA HIS A 287 -25.02 -17.41 19.45
C HIS A 287 -25.70 -16.51 18.43
N VAL A 288 -25.67 -15.20 18.61
CA VAL A 288 -26.52 -14.30 17.83
C VAL A 288 -25.79 -13.55 16.73
N LEU A 289 -24.47 -13.37 16.86
CA LEU A 289 -23.54 -12.79 15.91
C LEU A 289 -23.70 -13.44 14.53
N PRO A 290 -23.57 -12.68 13.44
CA PRO A 290 -23.96 -13.20 12.12
C PRO A 290 -22.88 -13.95 11.35
N GLN A 291 -21.64 -14.02 11.84
CA GLN A 291 -20.63 -14.84 11.20
C GLN A 291 -19.47 -15.04 12.17
N GLU A 292 -18.59 -15.98 11.81
CA GLU A 292 -17.35 -16.19 12.55
C GLU A 292 -16.61 -14.88 12.63
N SER A 293 -16.30 -14.46 13.85
CA SER A 293 -15.80 -13.12 14.04
C SER A 293 -14.78 -13.14 15.17
N VAL A 294 -13.95 -12.10 15.22
CA VAL A 294 -12.91 -12.12 16.26
C VAL A 294 -12.72 -10.79 16.97
N PHE A 295 -13.50 -9.77 16.65
CA PHE A 295 -13.53 -8.55 17.47
C PHE A 295 -14.91 -7.96 17.31
N ARG A 296 -15.93 -8.80 17.50
CA ARG A 296 -17.32 -8.45 17.32
C ARG A 296 -18.14 -8.94 18.50
N PHE A 297 -19.15 -8.15 18.89
CA PHE A 297 -19.96 -8.40 20.07
C PHE A 297 -21.44 -8.18 19.75
N SER A 298 -22.32 -8.97 20.40
CA SER A 298 -23.71 -9.07 19.94
C SER A 298 -24.53 -7.82 20.22
N PHE A 299 -24.37 -7.21 21.39
CA PHE A 299 -25.27 -6.14 21.80
C PHE A 299 -24.43 -4.92 22.14
N VAL A 300 -24.50 -3.92 21.28
CA VAL A 300 -23.65 -2.73 21.36
C VAL A 300 -24.53 -1.51 21.12
N PRO A 301 -24.01 -0.29 21.29
CA PRO A 301 -24.81 0.89 20.99
C PRO A 301 -25.37 0.84 19.58
N VAL A 302 -26.56 1.40 19.43
CA VAL A 302 -27.27 1.41 18.17
C VAL A 302 -27.44 2.86 17.75
N VAL A 303 -27.58 3.09 16.45
CA VAL A 303 -27.88 4.45 15.93
C VAL A 303 -29.40 4.55 15.88
N ASP A 304 -29.98 4.89 17.03
CA ASP A 304 -31.45 5.05 17.07
C ASP A 304 -31.85 6.46 16.64
N GLY A 305 -31.18 7.49 17.15
CA GLY A 305 -31.61 8.83 16.89
C GLY A 305 -31.71 9.56 18.21
N ASP A 306 -32.11 8.84 19.26
CA ASP A 306 -32.18 9.46 20.57
C ASP A 306 -30.75 9.76 21.00
N PHE A 307 -29.98 8.77 21.44
CA PHE A 307 -28.67 9.08 21.98
C PHE A 307 -27.73 9.60 20.88
N LEU A 308 -27.43 8.77 19.90
CA LEU A 308 -26.68 9.21 18.74
C LEU A 308 -27.70 9.71 17.72
N SER A 309 -27.66 11.01 17.40
CA SER A 309 -28.64 11.51 16.44
C SER A 309 -28.30 11.13 15.02
N ASP A 310 -27.18 10.44 14.82
CA ASP A 310 -26.63 10.03 13.53
C ASP A 310 -25.44 9.10 13.84
N THR A 311 -24.85 8.53 12.78
CA THR A 311 -23.76 7.58 12.98
C THR A 311 -22.59 8.29 13.67
N PRO A 312 -21.85 7.57 14.54
CA PRO A 312 -20.75 8.25 15.25
C PRO A 312 -19.85 9.00 14.29
N GLU A 313 -19.50 8.39 13.16
CA GLU A 313 -18.63 9.08 12.21
C GLU A 313 -19.28 10.36 11.70
N ALA A 314 -20.57 10.30 11.33
CA ALA A 314 -21.26 11.48 10.83
C ALA A 314 -21.20 12.63 11.83
N LEU A 315 -21.28 12.30 13.12
CA LEU A 315 -21.18 13.32 14.16
C LEU A 315 -19.78 13.93 14.22
N ILE A 316 -18.75 13.09 14.26
CA ILE A 316 -17.36 13.57 14.27
C ILE A 316 -17.11 14.53 13.12
N ASN A 317 -17.51 14.14 11.92
CA ASN A 317 -17.18 14.92 10.74
C ASN A 317 -17.80 16.30 10.80
N ALA A 318 -19.02 16.40 11.27
CA ALA A 318 -19.70 17.67 11.28
C ALA A 318 -19.65 18.36 12.65
N GLY A 319 -18.87 17.82 13.58
CA GLY A 319 -18.84 18.39 14.92
C GLY A 319 -17.89 19.58 15.04
N ASP A 320 -18.25 20.51 15.93
CA ASP A 320 -17.36 21.57 16.37
C ASP A 320 -16.89 21.29 17.79
N PHE A 321 -15.57 21.20 17.98
CA PHE A 321 -14.99 20.77 19.24
C PHE A 321 -14.09 21.82 19.89
N HIS A 322 -14.24 23.09 19.54
CA HIS A 322 -13.58 24.15 20.30
C HIS A 322 -14.00 24.06 21.76
N GLY A 323 -13.03 24.21 22.66
CA GLY A 323 -13.28 24.10 24.09
C GLY A 323 -13.16 22.72 24.68
N LEU A 324 -12.63 21.76 23.93
CA LEU A 324 -12.43 20.39 24.38
C LEU A 324 -10.94 20.04 24.36
N GLN A 325 -10.46 19.43 25.43
CA GLN A 325 -9.15 18.79 25.45
C GLN A 325 -9.32 17.29 25.56
N VAL A 326 -8.62 16.54 24.71
CA VAL A 326 -8.74 15.10 24.58
C VAL A 326 -7.37 14.48 24.64
N LEU A 327 -7.23 13.45 25.46
CA LEU A 327 -6.00 12.70 25.55
C LEU A 327 -6.31 11.27 25.08
N VAL A 328 -5.46 10.77 24.20
CA VAL A 328 -5.82 9.70 23.27
C VAL A 328 -4.62 8.81 23.04
N GLY A 329 -4.83 7.50 22.95
CA GLY A 329 -3.70 6.64 22.66
C GLY A 329 -4.06 5.17 22.55
N VAL A 330 -3.04 4.38 22.18
CA VAL A 330 -3.15 2.96 21.92
C VAL A 330 -1.94 2.26 22.55
N VAL A 331 -2.01 0.93 22.63
CA VAL A 331 -0.84 0.15 23.03
C VAL A 331 -0.08 -0.30 21.79
N LYS A 332 1.04 -0.99 21.97
CA LYS A 332 1.92 -1.27 20.83
C LYS A 332 1.32 -2.30 19.88
N ASP A 333 0.67 -3.34 20.42
CA ASP A 333 0.11 -4.42 19.60
C ASP A 333 -1.34 -4.60 20.01
N GLU A 334 -2.25 -3.81 19.40
CA GLU A 334 -3.64 -3.91 19.78
C GLU A 334 -4.28 -5.24 19.37
N GLY A 335 -3.75 -5.88 18.33
CA GLY A 335 -4.41 -7.04 17.80
C GLY A 335 -4.15 -8.37 18.50
N SER A 336 -2.97 -8.55 19.08
CA SER A 336 -2.52 -9.91 19.42
C SER A 336 -3.49 -10.61 20.37
N TYR A 337 -4.04 -9.89 21.35
CA TYR A 337 -4.92 -10.50 22.34
C TYR A 337 -6.11 -11.20 21.71
N PHE A 338 -6.69 -10.61 20.68
CA PHE A 338 -7.95 -11.16 20.23
C PHE A 338 -7.77 -12.34 19.29
N LEU A 339 -6.56 -12.63 18.87
CA LEU A 339 -6.37 -13.71 17.92
C LEU A 339 -6.64 -15.07 18.54
N VAL A 340 -6.36 -15.25 19.82
CA VAL A 340 -6.55 -16.56 20.44
C VAL A 340 -8.02 -16.88 20.64
N TYR A 341 -8.89 -15.94 20.28
CA TYR A 341 -10.34 -16.11 20.45
C TYR A 341 -11.02 -16.45 19.14
N GLY A 342 -10.38 -17.27 18.32
CA GLY A 342 -10.97 -17.69 17.06
C GLY A 342 -10.08 -17.55 15.84
N ALA A 343 -8.86 -17.06 16.02
CA ALA A 343 -8.18 -17.13 14.72
C ALA A 343 -7.47 -18.47 14.57
N PRO A 344 -7.50 -19.04 13.36
CA PRO A 344 -7.03 -20.43 13.14
C PRO A 344 -5.53 -20.59 13.33
N GLY A 345 -5.14 -21.37 14.33
CA GLY A 345 -3.74 -21.69 14.55
C GLY A 345 -3.08 -20.95 15.69
N PHE A 346 -3.81 -20.09 16.40
CA PHE A 346 -3.28 -19.28 17.49
C PHE A 346 -3.54 -19.92 18.84
N SER A 347 -2.62 -19.68 19.77
CA SER A 347 -2.86 -19.96 21.17
C SER A 347 -1.80 -19.25 22.01
N LYS A 348 -2.20 -18.87 23.22
CA LYS A 348 -1.22 -18.39 24.19
C LYS A 348 -0.12 -19.40 24.47
N ASP A 349 -0.36 -20.70 24.23
CA ASP A 349 0.50 -21.75 24.76
C ASP A 349 1.51 -22.30 23.76
N ASN A 350 1.39 -21.98 22.46
CA ASN A 350 2.54 -22.15 21.58
C ASN A 350 2.96 -20.81 20.96
N GLU A 351 3.73 -20.86 19.87
CA GLU A 351 4.27 -19.66 19.25
C GLU A 351 3.34 -19.11 18.17
N SER A 352 2.28 -19.83 17.86
CA SER A 352 1.28 -19.37 16.91
C SER A 352 1.88 -19.02 15.56
N LEU A 353 2.70 -19.92 15.02
CA LEU A 353 3.29 -19.74 13.70
C LEU A 353 2.32 -20.29 12.67
N ILE A 354 1.55 -19.39 12.04
CA ILE A 354 0.44 -19.82 11.21
C ILE A 354 0.91 -20.04 9.79
N SER A 355 0.25 -20.97 9.11
CA SER A 355 0.46 -21.19 7.70
C SER A 355 -0.07 -20.01 6.91
N ARG A 356 0.20 -19.98 5.60
CA ARG A 356 -0.42 -18.92 4.81
C ARG A 356 -1.93 -19.12 4.76
N ALA A 357 -2.38 -20.35 4.50
CA ALA A 357 -3.82 -20.55 4.40
C ALA A 357 -4.49 -20.25 5.73
N GLU A 358 -3.85 -20.62 6.84
CA GLU A 358 -4.32 -20.19 8.16
C GLU A 358 -4.44 -18.67 8.22
N PHE A 359 -3.51 -17.96 7.59
CA PHE A 359 -3.53 -16.50 7.59
C PHE A 359 -4.65 -15.95 6.74
N LEU A 360 -4.84 -16.49 5.53
CA LEU A 360 -5.91 -15.99 4.68
C LEU A 360 -7.28 -16.25 5.32
N ALA A 361 -7.44 -17.41 5.97
CA ALA A 361 -8.65 -17.66 6.73
C ALA A 361 -8.77 -16.71 7.93
N GLY A 362 -7.65 -16.41 8.61
CA GLY A 362 -7.70 -15.45 9.70
C GLY A 362 -8.11 -14.05 9.27
N VAL A 363 -7.79 -13.67 8.04
CA VAL A 363 -8.20 -12.34 7.58
C VAL A 363 -9.72 -12.27 7.47
N ARG A 364 -10.35 -13.38 7.06
CA ARG A 364 -11.81 -13.39 6.92
C ARG A 364 -12.52 -13.32 8.26
N VAL A 365 -11.94 -13.88 9.31
CA VAL A 365 -12.61 -13.78 10.61
C VAL A 365 -12.25 -12.47 11.30
N GLY A 366 -11.14 -11.85 10.92
CA GLY A 366 -10.71 -10.61 11.56
C GLY A 366 -11.27 -9.35 10.94
N VAL A 367 -11.58 -9.37 9.66
CA VAL A 367 -12.41 -8.30 9.11
C VAL A 367 -13.58 -9.04 8.51
N PRO A 368 -14.59 -9.33 9.32
CA PRO A 368 -15.75 -10.07 8.85
C PRO A 368 -16.74 -9.15 8.19
N GLN A 369 -17.55 -9.73 7.30
CA GLN A 369 -18.58 -8.97 6.60
C GLN A 369 -17.97 -7.83 5.78
N VAL A 370 -17.17 -8.22 4.78
CA VAL A 370 -16.72 -7.35 3.70
C VAL A 370 -16.64 -8.22 2.45
N SER A 371 -16.58 -7.59 1.28
CA SER A 371 -16.63 -8.37 0.05
C SER A 371 -15.40 -9.26 -0.09
N ASP A 372 -15.47 -10.16 -1.07
CA ASP A 372 -14.27 -10.91 -1.48
C ASP A 372 -13.16 -9.95 -1.86
N LEU A 373 -13.45 -9.08 -2.83
CA LEU A 373 -12.49 -8.06 -3.25
C LEU A 373 -11.93 -7.30 -2.07
N ALA A 374 -12.77 -6.92 -1.12
CA ALA A 374 -12.30 -6.20 0.06
C ALA A 374 -11.24 -7.00 0.80
N ALA A 375 -11.54 -8.28 1.06
CA ALA A 375 -10.59 -9.11 1.79
C ALA A 375 -9.32 -9.34 0.98
N GLU A 376 -9.47 -9.50 -0.33
CA GLU A 376 -8.30 -9.59 -1.19
C GLU A 376 -7.40 -8.36 -0.97
N ALA A 377 -7.94 -7.17 -1.22
CA ALA A 377 -7.23 -5.92 -0.91
C ALA A 377 -6.50 -5.97 0.43
N VAL A 378 -7.18 -6.38 1.50
CA VAL A 378 -6.51 -6.51 2.79
C VAL A 378 -5.33 -7.46 2.69
N VAL A 379 -5.46 -8.51 1.88
CA VAL A 379 -4.42 -9.53 1.92
C VAL A 379 -3.21 -9.08 1.13
N LEU A 380 -3.39 -8.34 0.03
CA LEU A 380 -2.20 -7.90 -0.69
C LEU A 380 -1.65 -6.64 -0.07
N HIS A 381 -2.37 -6.02 0.83
CA HIS A 381 -1.78 -4.90 1.57
CA HIS A 381 -1.75 -4.91 1.56
C HIS A 381 -0.95 -5.40 2.75
N TYR A 382 -1.26 -6.58 3.29
CA TYR A 382 -0.59 -7.05 4.50
C TYR A 382 0.32 -8.25 4.23
N THR A 383 0.33 -8.77 3.02
CA THR A 383 1.28 -9.81 2.66
C THR A 383 2.61 -9.17 2.33
N ASP A 384 3.69 -9.71 2.90
CA ASP A 384 5.06 -9.31 2.55
C ASP A 384 5.50 -10.16 1.36
N TRP A 385 5.56 -9.55 0.18
CA TRP A 385 5.68 -10.32 -1.05
C TRP A 385 7.12 -10.76 -1.36
N LEU A 386 8.06 -10.53 -0.45
CA LEU A 386 9.34 -11.21 -0.51
C LEU A 386 9.41 -12.41 0.43
N HIS A 387 8.50 -12.47 1.41
CA HIS A 387 8.39 -13.58 2.35
C HIS A 387 6.91 -13.89 2.56
N PRO A 388 6.23 -14.31 1.48
CA PRO A 388 4.77 -14.47 1.57
C PRO A 388 4.35 -15.58 2.49
N GLU A 389 5.25 -16.49 2.82
CA GLU A 389 4.86 -17.67 3.57
C GLU A 389 5.60 -17.83 4.89
N ASP A 390 6.51 -16.93 5.23
CA ASP A 390 7.10 -16.91 6.55
C ASP A 390 5.97 -16.93 7.59
N PRO A 391 5.92 -17.92 8.49
CA PRO A 391 4.84 -17.93 9.50
C PRO A 391 4.95 -16.79 10.49
N ALA A 392 6.14 -16.52 11.04
CA ALA A 392 6.29 -15.42 12.00
C ALA A 392 5.79 -14.10 11.41
N ARG A 393 6.22 -13.81 10.18
CA ARG A 393 5.74 -12.60 9.52
C ARG A 393 4.23 -12.65 9.34
N LEU A 394 3.69 -13.82 8.97
CA LEU A 394 2.25 -13.95 8.81
C LEU A 394 1.52 -13.74 10.13
N ARG A 395 2.14 -14.13 11.24
CA ARG A 395 1.50 -13.91 12.54
C ARG A 395 1.35 -12.44 12.82
N GLU A 396 2.47 -11.69 12.78
CA GLU A 396 2.44 -10.28 13.11
C GLU A 396 1.59 -9.50 12.13
N ALA A 397 1.50 -9.97 10.89
CA ALA A 397 0.58 -9.34 9.95
C ALA A 397 -0.85 -9.41 10.46
N LEU A 398 -1.33 -10.61 10.82
CA LEU A 398 -2.70 -10.70 11.31
C LEU A 398 -2.90 -9.82 12.54
N SER A 399 -1.95 -9.84 13.48
CA SER A 399 -2.01 -9.00 14.66
C SER A 399 -2.05 -7.52 14.31
N ASP A 400 -1.58 -7.18 13.11
CA ASP A 400 -1.70 -5.82 12.60
C ASP A 400 -3.06 -5.63 11.95
N VAL A 401 -3.56 -6.66 11.26
CA VAL A 401 -4.80 -6.47 10.52
C VAL A 401 -5.94 -6.20 11.47
N VAL A 402 -5.99 -6.92 12.59
CA VAL A 402 -7.13 -6.68 13.47
C VAL A 402 -6.86 -5.49 14.36
N GLY A 403 -5.61 -5.28 14.76
CA GLY A 403 -5.29 -4.08 15.53
C GLY A 403 -5.54 -2.80 14.75
N ASP A 404 -5.04 -2.73 13.52
CA ASP A 404 -5.25 -1.53 12.72
C ASP A 404 -6.72 -1.29 12.42
N HIS A 405 -7.45 -2.33 12.01
CA HIS A 405 -8.83 -2.14 11.55
C HIS A 405 -9.78 -1.85 12.72
N ASN A 406 -9.49 -2.39 13.91
CA ASN A 406 -10.43 -2.27 15.03
C ASN A 406 -10.08 -1.15 16.00
N VAL A 407 -8.80 -0.88 16.26
CA VAL A 407 -8.46 0.14 17.24
C VAL A 407 -7.69 1.30 16.62
N VAL A 408 -6.50 1.01 16.08
CA VAL A 408 -5.56 2.08 15.74
C VAL A 408 -6.18 3.04 14.74
N CYS A 409 -6.52 2.56 13.54
CA CYS A 409 -7.04 3.49 12.53
C CYS A 409 -8.31 4.21 12.96
N PRO A 410 -9.28 3.58 13.64
CA PRO A 410 -10.37 4.37 14.23
C PRO A 410 -9.90 5.44 15.23
N VAL A 411 -8.98 5.14 16.15
CA VAL A 411 -8.49 6.16 17.10
C VAL A 411 -7.83 7.30 16.35
N ALA A 412 -6.93 6.98 15.42
CA ALA A 412 -6.23 8.02 14.67
C ALA A 412 -7.20 8.86 13.85
N GLN A 413 -8.23 8.21 13.27
CA GLN A 413 -9.16 8.97 12.46
C GLN A 413 -9.94 9.97 13.30
N LEU A 414 -10.44 9.52 14.46
CA LEU A 414 -11.10 10.44 15.39
C LEU A 414 -10.19 11.58 15.81
N ALA A 415 -8.90 11.30 15.97
CA ALA A 415 -8.01 12.32 16.52
C ALA A 415 -7.76 13.44 15.51
N GLY A 416 -7.51 13.09 14.25
CA GLY A 416 -7.34 14.10 13.23
C GLY A 416 -8.57 14.98 13.07
N ARG A 417 -9.76 14.43 13.33
CA ARG A 417 -10.96 15.26 13.16
C ARG A 417 -11.12 16.22 14.32
N LEU A 418 -11.06 15.71 15.55
CA LEU A 418 -11.18 16.57 16.73
C LEU A 418 -10.17 17.71 16.67
N ALA A 419 -8.92 17.37 16.34
CA ALA A 419 -7.88 18.38 16.31
C ALA A 419 -8.17 19.42 15.23
N ALA A 420 -8.53 18.95 14.03
CA ALA A 420 -8.76 19.89 12.92
C ALA A 420 -9.99 20.75 13.14
N GLN A 421 -10.87 20.35 14.05
CA GLN A 421 -12.16 21.04 14.24
C GLN A 421 -12.27 21.63 15.65
N GLY A 422 -11.15 22.00 16.26
CA GLY A 422 -11.13 22.90 17.39
C GLY A 422 -10.81 22.30 18.74
N ALA A 423 -10.47 21.01 18.80
CA ALA A 423 -10.04 20.43 20.07
C ALA A 423 -8.53 20.55 20.19
N ARG A 424 -8.05 20.44 21.42
CA ARG A 424 -6.62 20.26 21.67
C ARG A 424 -6.43 18.79 22.01
N VAL A 425 -5.62 18.10 21.22
CA VAL A 425 -5.51 16.65 21.33
C VAL A 425 -4.09 16.31 21.73
N TYR A 426 -3.93 15.32 22.61
CA TYR A 426 -2.61 14.75 22.87
C TYR A 426 -2.69 13.25 22.65
N ALA A 427 -1.67 12.68 22.02
CA ALA A 427 -1.64 11.26 21.67
C ALA A 427 -0.42 10.58 22.28
N TYR A 428 -0.59 9.31 22.64
CA TYR A 428 0.52 8.45 23.06
C TYR A 428 0.45 7.10 22.34
N VAL A 429 1.56 6.37 22.39
CA VAL A 429 1.53 4.92 22.16
C VAL A 429 2.16 4.25 23.37
N PHE A 430 1.40 3.37 24.02
CA PHE A 430 1.93 2.68 25.18
C PHE A 430 2.78 1.49 24.74
N GLU A 431 4.04 1.50 25.13
CA GLU A 431 5.04 0.61 24.55
C GLU A 431 5.81 -0.19 25.59
N HIS A 432 5.34 -0.26 26.82
CA HIS A 432 6.03 -1.05 27.83
C HIS A 432 5.27 -2.33 28.10
N ARG A 433 6.02 -3.40 28.33
CA ARG A 433 5.46 -4.73 28.57
C ARG A 433 5.71 -5.06 30.03
N ALA A 434 4.64 -5.17 30.81
CA ALA A 434 4.79 -5.35 32.25
C ALA A 434 5.70 -6.55 32.54
N SER A 435 6.60 -6.38 33.52
CA SER A 435 7.47 -7.49 33.87
C SER A 435 6.69 -8.67 34.41
N THR A 436 5.45 -8.45 34.83
CA THR A 436 4.64 -9.51 35.41
C THR A 436 3.68 -10.16 34.41
N LEU A 437 3.64 -9.66 33.17
CA LEU A 437 2.65 -10.10 32.18
C LEU A 437 2.65 -11.61 31.97
N SER A 438 1.47 -12.22 32.13
CA SER A 438 1.28 -13.68 32.05
C SER A 438 1.04 -14.18 30.64
N TRP A 439 0.69 -13.29 29.71
CA TRP A 439 0.54 -13.66 28.32
C TRP A 439 1.90 -14.04 27.73
N PRO A 440 1.90 -14.81 26.64
CA PRO A 440 3.17 -15.18 26.02
C PRO A 440 3.84 -13.96 25.44
N LEU A 441 5.09 -14.16 25.02
CA LEU A 441 5.90 -13.05 24.54
C LEU A 441 5.48 -12.57 23.15
N TRP A 442 5.07 -13.47 22.26
CA TRP A 442 4.70 -13.04 20.91
C TRP A 442 3.56 -12.03 20.88
N MET A 443 2.77 -11.95 21.96
CA MET A 443 1.66 -11.00 22.00
C MET A 443 2.14 -9.56 22.22
N GLY A 444 3.36 -9.37 22.71
CA GLY A 444 3.92 -8.03 22.77
C GLY A 444 3.38 -7.20 23.92
N VAL A 445 2.89 -6.01 23.60
CA VAL A 445 2.13 -5.24 24.57
C VAL A 445 0.66 -5.40 24.18
N PRO A 446 -0.09 -6.25 24.88
CA PRO A 446 -1.46 -6.54 24.46
C PRO A 446 -2.46 -5.52 24.97
N HIS A 447 -3.58 -5.49 24.25
CA HIS A 447 -4.70 -4.60 24.51
C HIS A 447 -5.19 -4.70 25.96
N GLY A 448 -5.25 -3.55 26.61
CA GLY A 448 -5.63 -3.46 27.99
C GLY A 448 -4.50 -3.44 28.99
N TYR A 449 -3.24 -3.53 28.59
CA TYR A 449 -2.18 -3.77 29.58
C TYR A 449 -1.37 -2.53 29.91
N GLU A 450 -1.86 -1.34 29.51
CA GLU A 450 -1.44 -0.11 30.16
C GLU A 450 -2.23 0.22 31.42
N ILE A 451 -3.45 -0.33 31.55
CA ILE A 451 -4.38 0.12 32.60
C ILE A 451 -3.71 0.03 33.99
N GLU A 452 -3.08 -1.10 34.29
CA GLU A 452 -2.39 -1.24 35.57
C GLU A 452 -1.44 -0.07 35.83
N PHE A 453 -0.78 0.42 34.79
CA PHE A 453 0.19 1.47 35.04
C PHE A 453 -0.49 2.81 35.24
N ILE A 454 -1.52 3.09 34.45
CA ILE A 454 -2.32 4.30 34.67
C ILE A 454 -2.82 4.35 36.11
N PHE A 455 -3.37 3.24 36.60
CA PHE A 455 -3.90 3.19 37.98
C PHE A 455 -2.81 3.01 39.03
N GLY A 456 -1.54 2.96 38.65
CA GLY A 456 -0.50 2.92 39.65
C GLY A 456 -0.40 1.64 40.44
N ILE A 457 -0.91 0.54 39.89
CA ILE A 457 -0.86 -0.75 40.59
C ILE A 457 0.56 -1.13 41.00
N PRO A 458 1.62 -0.90 40.18
CA PRO A 458 2.97 -1.25 40.63
C PRO A 458 3.32 -0.83 42.06
N LEU A 459 2.54 0.12 42.59
CA LEU A 459 2.79 0.66 43.93
C LEU A 459 2.28 -0.24 45.04
N ASP A 460 1.30 -1.10 44.76
CA ASP A 460 0.86 -2.13 45.69
C ASP A 460 2.06 -2.98 46.07
N PRO A 461 2.43 -3.05 47.34
CA PRO A 461 3.64 -3.81 47.71
C PRO A 461 3.54 -5.29 47.40
N SER A 462 2.31 -5.85 47.35
CA SER A 462 2.15 -7.29 47.17
C SER A 462 2.45 -7.72 45.73
N ARG A 463 1.98 -6.95 44.75
CA ARG A 463 2.34 -7.23 43.37
C ARG A 463 3.83 -6.93 43.15
N ASN A 464 4.52 -7.80 42.41
CA ASN A 464 5.99 -7.82 42.43
C ASN A 464 6.60 -7.06 41.25
N TYR A 465 6.25 -5.78 41.13
CA TYR A 465 6.80 -4.99 40.02
C TYR A 465 8.20 -4.48 40.32
N THR A 466 8.82 -3.97 39.27
CA THR A 466 10.16 -3.41 39.34
C THR A 466 10.15 -2.09 40.10
N ALA A 467 11.26 -1.80 40.79
CA ALA A 467 11.43 -0.44 41.32
C ALA A 467 11.36 0.60 40.21
N GLU A 468 12.09 0.35 39.11
CA GLU A 468 11.89 1.14 37.89
C GLU A 468 10.40 1.20 37.52
N GLU A 469 9.73 0.04 37.47
CA GLU A 469 8.35 0.01 37.03
C GLU A 469 7.45 0.84 37.89
N LYS A 470 7.79 1.03 39.18
CA LYS A 470 6.96 1.87 40.03
C LYS A 470 7.07 3.33 39.61
N ILE A 471 8.31 3.81 39.40
CA ILE A 471 8.55 5.15 38.87
C ILE A 471 7.76 5.39 37.58
N PHE A 472 7.82 4.42 36.66
CA PHE A 472 7.06 4.55 35.42
C PHE A 472 5.60 4.87 35.70
N ALA A 473 4.99 4.14 36.65
CA ALA A 473 3.56 4.34 36.91
C ALA A 473 3.30 5.72 37.51
N GLN A 474 4.16 6.16 38.43
CA GLN A 474 4.03 7.52 38.95
C GLN A 474 4.01 8.54 37.84
N ARG A 475 5.03 8.49 36.95
CA ARG A 475 5.04 9.35 35.77
C ARG A 475 3.69 9.35 35.06
N LEU A 476 3.19 8.16 34.68
CA LEU A 476 1.93 8.07 33.96
C LEU A 476 0.80 8.73 34.76
N MET A 477 0.75 8.46 36.05
CA MET A 477 -0.26 9.09 36.89
C MET A 477 -0.15 10.60 36.85
N ARG A 478 1.09 11.13 36.92
CA ARG A 478 1.25 12.57 36.84
C ARG A 478 0.82 13.10 35.48
N TYR A 479 1.10 12.39 34.39
CA TYR A 479 0.59 12.84 33.09
C TYR A 479 -0.92 12.97 33.15
N TRP A 480 -1.58 11.95 33.70
CA TRP A 480 -3.04 11.88 33.66
C TRP A 480 -3.68 12.89 34.60
N ALA A 481 -3.20 12.97 35.84
CA ALA A 481 -3.65 14.01 36.75
C ALA A 481 -3.51 15.38 36.12
N ASN A 482 -2.27 15.74 35.72
CA ASN A 482 -1.97 16.98 35.00
C ASN A 482 -2.99 17.29 33.90
N PHE A 483 -3.25 16.32 33.01
CA PHE A 483 -4.25 16.56 31.97
C PHE A 483 -5.61 16.83 32.59
N ALA A 484 -6.03 16.01 33.56
CA ALA A 484 -7.31 16.27 34.21
C ALA A 484 -7.32 17.66 34.83
N ARG A 485 -6.24 18.04 35.50
CA ARG A 485 -6.21 19.35 36.14
C ARG A 485 -6.30 20.48 35.12
N THR A 486 -5.55 20.39 34.02
CA THR A 486 -5.46 21.55 33.16
C THR A 486 -5.62 21.27 31.67
N GLY A 487 -5.79 20.03 31.27
CA GLY A 487 -5.93 19.79 29.86
C GLY A 487 -4.63 19.77 29.12
N ASP A 488 -3.52 19.95 29.82
CA ASP A 488 -2.18 19.81 29.25
C ASP A 488 -1.48 18.76 30.08
N PRO A 489 -1.02 17.64 29.51
CA PRO A 489 -0.32 16.64 30.32
C PRO A 489 1.04 17.09 30.83
N ASN A 490 1.60 18.17 30.29
CA ASN A 490 2.94 18.60 30.69
C ASN A 490 2.92 19.33 32.03
N GLU A 491 4.08 19.38 32.66
CA GLU A 491 4.24 20.19 33.86
C GLU A 491 4.34 21.67 33.47
N PRO A 492 3.61 22.55 34.17
CA PRO A 492 3.57 23.95 33.75
C PRO A 492 4.86 24.71 34.04
N ARG A 493 5.54 24.39 35.13
CA ARG A 493 6.76 25.10 35.55
C ARG A 493 7.98 24.21 35.35
N ASP A 494 8.17 23.77 34.13
CA ASP A 494 9.20 22.85 33.70
C ASP A 494 9.28 22.92 32.18
N PRO A 495 9.86 24.01 31.62
CA PRO A 495 10.21 23.98 30.19
C PRO A 495 11.09 22.80 29.82
N LYS A 496 12.10 22.51 30.65
CA LYS A 496 13.14 21.55 30.30
C LYS A 496 12.64 20.12 30.29
N ALA A 497 11.51 19.85 30.93
CA ALA A 497 10.95 18.51 30.91
C ALA A 497 10.65 18.10 29.47
N PRO A 498 10.95 16.84 29.09
CA PRO A 498 10.62 16.37 27.74
C PRO A 498 9.17 16.67 27.37
N GLN A 499 8.95 17.59 26.43
CA GLN A 499 7.61 18.11 26.17
C GLN A 499 6.78 17.13 25.33
N TRP A 500 5.51 17.02 25.68
CA TRP A 500 4.56 16.24 24.93
C TRP A 500 3.76 17.21 24.07
N PRO A 501 4.00 17.29 22.77
CA PRO A 501 3.33 18.30 21.94
C PRO A 501 1.96 17.80 21.51
N PRO A 502 1.05 18.72 21.16
CA PRO A 502 -0.30 18.31 20.76
C PRO A 502 -0.32 17.59 19.41
N TYR A 503 -1.18 16.58 19.30
CA TYR A 503 -1.41 15.92 18.03
C TYR A 503 -2.26 16.81 17.12
N THR A 504 -1.88 16.87 15.86
CA THR A 504 -2.50 17.72 14.88
C THR A 504 -2.67 16.89 13.61
N ALA A 505 -3.59 17.32 12.74
CA ALA A 505 -3.91 16.46 11.60
C ALA A 505 -2.72 16.34 10.65
N GLY A 506 -1.94 17.40 10.48
CA GLY A 506 -0.79 17.30 9.59
C GLY A 506 0.45 16.67 10.20
N ALA A 507 0.98 17.30 11.27
CA ALA A 507 2.21 16.81 11.90
C ALA A 507 2.02 15.45 12.56
N GLN A 508 0.84 15.20 13.14
CA GLN A 508 0.46 13.89 13.68
C GLN A 508 1.47 13.38 14.73
N GLN A 509 1.92 14.29 15.60
CA GLN A 509 2.87 13.91 16.64
C GLN A 509 2.19 13.20 17.81
N TYR A 510 2.83 12.12 18.28
CA TYR A 510 2.49 11.44 19.53
C TYR A 510 3.77 11.24 20.34
N VAL A 511 3.61 10.80 21.58
CA VAL A 511 4.75 10.39 22.36
C VAL A 511 4.67 8.89 22.60
N SER A 512 5.82 8.31 22.90
CA SER A 512 5.92 6.91 23.31
C SER A 512 6.04 6.88 24.82
N LEU A 513 5.11 6.19 25.48
CA LEU A 513 5.22 5.96 26.91
C LEU A 513 5.90 4.61 27.09
N ASP A 514 7.16 4.62 27.51
CA ASP A 514 7.83 3.44 28.07
C ASP A 514 8.80 3.95 29.13
N LEU A 515 9.77 3.14 29.52
CA LEU A 515 10.65 3.63 30.57
C LEU A 515 11.72 4.59 30.07
N ARG A 516 11.89 4.73 28.76
CA ARG A 516 12.73 5.80 28.27
C ARG A 516 11.96 7.12 28.40
N PRO A 517 12.66 8.25 28.53
CA PRO A 517 11.96 9.53 28.66
C PRO A 517 11.14 9.79 27.43
N LEU A 518 10.14 10.69 27.54
CA LEU A 518 9.30 11.04 26.40
C LEU A 518 10.05 11.09 25.09
N GLU A 519 9.48 10.44 24.10
CA GLU A 519 10.03 10.47 22.76
C GLU A 519 8.92 10.80 21.77
N VAL A 520 9.21 11.69 20.84
CA VAL A 520 8.18 12.18 19.92
C VAL A 520 8.33 11.47 18.60
N ARG A 521 7.21 10.96 18.08
CA ARG A 521 7.17 10.34 16.76
C ARG A 521 6.07 10.98 15.93
N ARG A 522 6.16 10.79 14.61
CA ARG A 522 5.14 11.25 13.68
C ARG A 522 4.30 10.06 13.19
N GLY A 523 2.99 10.26 13.16
CA GLY A 523 2.05 9.36 12.48
C GLY A 523 1.72 8.08 13.22
N LEU A 524 0.47 7.95 13.67
CA LEU A 524 -0.05 6.72 14.24
C LEU A 524 -0.39 5.77 13.11
N ARG A 525 0.57 4.92 12.75
CA ARG A 525 0.44 4.02 11.61
C ARG A 525 -0.19 4.74 10.42
N ALA A 526 0.34 5.94 10.14
CA ALA A 526 -0.21 6.82 9.12
C ALA A 526 -0.46 6.08 7.80
N GLN A 527 0.55 5.34 7.33
CA GLN A 527 0.46 4.69 6.02
C GLN A 527 -0.56 3.56 6.05
N ALA A 528 -0.49 2.69 7.06
CA ALA A 528 -1.49 1.63 7.17
C ALA A 528 -2.88 2.22 7.23
N CYS A 529 -3.06 3.28 8.02
CA CYS A 529 -4.41 3.72 8.30
C CYS A 529 -5.06 4.39 7.10
N ALA A 530 -4.28 4.78 6.09
CA ALA A 530 -4.90 5.36 4.90
C ALA A 530 -5.74 4.31 4.19
N PHE A 531 -5.25 3.07 4.17
CA PHE A 531 -6.02 1.99 3.58
C PHE A 531 -7.36 1.87 4.28
N TRP A 532 -7.34 1.87 5.61
CA TRP A 532 -8.56 1.58 6.35
C TRP A 532 -9.51 2.76 6.35
N ASN A 533 -9.03 3.94 6.73
CA ASN A 533 -9.89 5.12 6.80
C ASN A 533 -10.17 5.76 5.44
N ARG A 534 -9.38 5.47 4.43
CA ARG A 534 -9.61 6.25 3.22
C ARG A 534 -10.00 5.41 2.01
N PHE A 535 -9.32 4.29 1.76
CA PHE A 535 -9.58 3.56 0.52
C PHE A 535 -10.68 2.52 0.64
N LEU A 536 -10.59 1.67 1.66
CA LEU A 536 -11.55 0.57 1.78
C LEU A 536 -13.00 1.00 1.80
N PRO A 537 -13.38 2.11 2.47
CA PRO A 537 -14.72 2.66 2.27
C PRO A 537 -15.09 2.84 0.82
N LYS A 538 -14.27 3.62 0.08
CA LYS A 538 -14.51 3.81 -1.36
C LYS A 538 -14.65 2.49 -2.10
N LEU A 539 -14.07 1.43 -1.54
CA LEU A 539 -14.10 0.13 -2.20
C LEU A 539 -15.45 -0.52 -2.04
N LEU A 540 -15.93 -0.65 -0.79
CA LEU A 540 -17.27 -1.16 -0.51
C LEU A 540 -18.38 -0.29 -1.10
N SER A 541 -18.08 0.97 -1.42
CA SER A 541 -19.05 1.83 -2.09
C SER A 541 -19.19 1.44 -3.57
N ALA A 542 -18.11 1.55 -4.34
CA ALA A 542 -18.15 1.17 -5.75
C ALA A 542 -18.11 -0.36 -5.96
N THR A 543 -18.39 -1.15 -4.92
CA THR A 543 -18.67 -2.58 -5.07
C THR A 543 -19.82 -3.00 -4.14
N ASP B 5 42.55 -2.96 -48.25
CA ASP B 5 42.12 -4.05 -47.36
C ASP B 5 41.15 -5.04 -48.04
N ALA B 6 41.53 -6.32 -48.03
CA ALA B 6 40.74 -7.34 -48.69
C ALA B 6 39.47 -7.67 -47.91
N GLU B 7 39.50 -7.53 -46.60
CA GLU B 7 38.40 -7.98 -45.74
C GLU B 7 37.16 -7.16 -45.90
N LEU B 8 37.14 -6.21 -46.83
CA LEU B 8 36.03 -5.27 -46.99
C LEU B 8 35.13 -5.57 -48.18
N LEU B 9 35.41 -6.63 -48.93
CA LEU B 9 34.56 -7.02 -50.06
C LEU B 9 33.95 -8.39 -49.77
N VAL B 10 32.64 -8.40 -49.52
CA VAL B 10 31.89 -9.57 -49.11
C VAL B 10 30.69 -9.71 -50.03
N THR B 11 30.20 -10.95 -50.16
CA THR B 11 29.07 -11.27 -51.04
C THR B 11 27.99 -11.96 -50.23
N VAL B 12 26.79 -11.37 -50.24
CA VAL B 12 25.62 -12.00 -49.64
C VAL B 12 24.73 -12.59 -50.72
N ARG B 13 23.63 -13.24 -50.31
CA ARG B 13 22.83 -14.01 -51.25
C ARG B 13 22.33 -13.15 -52.41
N GLY B 14 22.05 -11.88 -52.15
CA GLY B 14 21.53 -10.97 -53.16
C GLY B 14 22.51 -10.23 -54.03
N GLY B 15 23.79 -10.16 -53.64
CA GLY B 15 24.79 -9.53 -54.49
C GLY B 15 26.04 -9.16 -53.69
N ARG B 16 26.85 -8.28 -54.30
CA ARG B 16 28.16 -7.90 -53.76
C ARG B 16 28.06 -6.65 -52.90
N LEU B 17 28.94 -6.58 -51.89
CA LEU B 17 28.99 -5.45 -50.96
C LEU B 17 30.40 -4.90 -50.85
N ARG B 18 30.47 -3.59 -50.62
CA ARG B 18 31.70 -2.85 -50.37
C ARG B 18 31.58 -2.24 -48.98
N GLY B 19 32.48 -2.61 -48.08
CA GLY B 19 32.45 -2.14 -46.72
C GLY B 19 33.51 -1.09 -46.43
N ILE B 20 33.56 -0.70 -45.15
CA ILE B 20 34.40 0.40 -44.70
C ILE B 20 35.06 0.01 -43.38
N ARG B 21 36.39 0.14 -43.31
CA ARG B 21 37.12 -0.17 -42.09
C ARG B 21 36.96 0.96 -41.07
N LEU B 22 36.52 0.64 -39.85
CA LEU B 22 36.34 1.61 -38.79
C LEU B 22 37.48 1.55 -37.79
N LYS B 23 37.78 2.70 -37.19
CA LYS B 23 38.83 2.80 -36.19
C LYS B 23 38.24 2.80 -34.79
N THR B 24 38.96 2.20 -33.85
CA THR B 24 38.70 2.21 -32.42
C THR B 24 40.07 2.26 -31.76
N PRO B 25 40.14 2.69 -30.49
CA PRO B 25 41.47 2.81 -29.87
C PRO B 25 42.15 1.47 -29.58
N GLY B 26 41.42 0.35 -29.54
CA GLY B 26 41.96 -0.97 -29.36
C GLY B 26 42.39 -1.67 -30.63
N GLY B 27 41.97 -1.16 -31.78
CA GLY B 27 42.22 -1.82 -33.03
C GLY B 27 41.02 -1.67 -33.92
N PRO B 28 41.16 -2.07 -35.18
CA PRO B 28 40.13 -1.78 -36.18
C PRO B 28 39.03 -2.83 -36.18
N VAL B 29 37.92 -2.43 -36.79
CA VAL B 29 36.76 -3.29 -37.00
C VAL B 29 36.25 -3.02 -38.40
N SER B 30 35.81 -4.06 -39.10
CA SER B 30 35.29 -3.86 -40.44
C SER B 30 33.77 -3.94 -40.40
N ALA B 31 33.11 -3.01 -41.11
CA ALA B 31 31.68 -2.75 -40.97
C ALA B 31 31.01 -2.52 -42.32
N PHE B 32 29.75 -2.96 -42.39
CA PHE B 32 28.93 -2.86 -43.61
C PHE B 32 27.63 -2.17 -43.23
N LEU B 33 27.37 -1.02 -43.84
CA LEU B 33 26.33 -0.11 -43.38
C LEU B 33 25.35 0.15 -44.50
N GLY B 34 24.07 0.03 -44.18
CA GLY B 34 23.02 0.27 -45.16
C GLY B 34 22.92 -0.80 -46.22
N ILE B 35 23.04 -2.06 -45.83
CA ILE B 35 22.72 -3.20 -46.70
C ILE B 35 21.21 -3.24 -46.85
N PRO B 36 20.69 -3.22 -48.07
CA PRO B 36 19.25 -3.22 -48.27
C PRO B 36 18.68 -4.62 -48.09
N PHE B 37 17.82 -4.79 -47.08
CA PHE B 37 17.24 -6.11 -46.83
C PHE B 37 15.78 -6.24 -47.26
N ALA B 38 15.15 -5.16 -47.75
CA ALA B 38 13.78 -5.24 -48.24
C ALA B 38 13.62 -4.36 -49.47
N GLU B 39 12.60 -4.69 -50.25
CA GLU B 39 12.16 -3.76 -51.28
C GLU B 39 11.55 -2.52 -50.61
N PRO B 40 11.88 -1.32 -51.08
CA PRO B 40 11.48 -0.10 -50.37
C PRO B 40 9.96 0.00 -50.27
N PRO B 41 9.42 0.14 -49.04
CA PRO B 41 7.96 0.12 -48.80
C PRO B 41 7.29 1.47 -49.05
N MET B 42 6.99 1.71 -50.33
CA MET B 42 6.66 3.05 -50.81
C MET B 42 5.41 3.04 -51.70
N GLY B 43 4.78 4.22 -51.79
CA GLY B 43 3.52 4.38 -52.49
C GLY B 43 2.57 3.27 -52.12
N PRO B 44 2.29 2.37 -53.07
CA PRO B 44 1.31 1.29 -52.82
C PRO B 44 1.78 0.25 -51.85
N ARG B 45 3.07 0.22 -51.51
CA ARG B 45 3.59 -0.69 -50.50
C ARG B 45 3.52 -0.13 -49.10
N ARG B 46 3.26 1.17 -48.93
CA ARG B 46 3.06 1.72 -47.60
C ARG B 46 1.97 0.94 -46.87
N PHE B 47 2.23 0.63 -45.60
CA PHE B 47 1.31 -0.07 -44.70
C PHE B 47 1.27 -1.58 -44.93
N LEU B 48 1.93 -2.11 -45.99
CA LEU B 48 1.97 -3.49 -46.42
C LEU B 48 3.19 -4.18 -45.85
N PRO B 49 3.11 -5.47 -45.56
CA PRO B 49 4.28 -6.18 -45.00
C PRO B 49 5.46 -6.16 -45.95
N PRO B 50 6.68 -6.30 -45.43
CA PRO B 50 7.87 -6.16 -46.29
C PRO B 50 8.04 -7.28 -47.28
N GLU B 51 8.61 -6.94 -48.43
CA GLU B 51 9.02 -7.89 -49.44
C GLU B 51 10.53 -7.95 -49.54
N PRO B 52 11.10 -9.16 -49.59
CA PRO B 52 12.56 -9.30 -49.59
C PRO B 52 13.16 -8.63 -50.81
N LYS B 53 14.33 -8.03 -50.61
CA LYS B 53 14.97 -7.25 -51.67
C LYS B 53 15.33 -8.12 -52.85
N GLN B 54 14.94 -7.68 -54.04
CA GLN B 54 15.35 -8.36 -55.25
C GLN B 54 16.87 -8.31 -55.39
N PRO B 55 17.51 -9.42 -55.76
CA PRO B 55 18.96 -9.42 -55.96
C PRO B 55 19.40 -8.34 -56.94
N TRP B 56 20.66 -7.91 -56.84
CA TRP B 56 21.17 -6.79 -57.61
C TRP B 56 22.48 -7.15 -58.30
N SER B 57 22.77 -6.40 -59.36
CA SER B 57 24.05 -6.46 -60.02
C SER B 57 24.94 -5.32 -59.52
N GLY B 58 26.23 -5.40 -59.87
CA GLY B 58 27.20 -4.44 -59.41
C GLY B 58 27.60 -4.67 -57.97
N VAL B 59 28.19 -3.65 -57.37
CA VAL B 59 28.48 -3.64 -55.94
C VAL B 59 27.60 -2.60 -55.27
N VAL B 60 27.20 -2.91 -54.04
CA VAL B 60 26.44 -1.99 -53.21
C VAL B 60 27.41 -1.17 -52.38
N ASP B 61 27.25 0.14 -52.40
CA ASP B 61 28.06 1.03 -51.56
C ASP B 61 27.55 0.91 -50.12
N ALA B 62 28.08 -0.10 -49.42
CA ALA B 62 27.68 -0.35 -48.04
C ALA B 62 28.62 0.31 -47.05
N THR B 63 29.05 1.51 -47.36
CA THR B 63 30.09 2.17 -46.59
C THR B 63 29.56 3.26 -45.69
N THR B 64 28.35 3.73 -45.94
CA THR B 64 27.74 4.73 -45.08
C THR B 64 26.40 4.22 -44.59
N PHE B 65 25.81 4.99 -43.67
CA PHE B 65 24.48 4.69 -43.16
C PHE B 65 23.40 5.08 -44.16
N GLN B 66 22.30 4.32 -44.13
CA GLN B 66 21.16 4.64 -44.96
C GLN B 66 20.16 5.49 -44.18
N SER B 67 19.05 5.87 -44.83
CA SER B 67 18.10 6.85 -44.30
C SER B 67 17.46 6.43 -43.00
N VAL B 68 16.60 7.28 -42.44
CA VAL B 68 15.85 6.97 -41.24
C VAL B 68 14.37 6.90 -41.59
N CYS B 69 13.68 5.88 -41.10
CA CYS B 69 12.26 5.72 -41.35
C CYS B 69 11.49 6.91 -40.82
N TYR B 70 10.55 7.40 -41.61
CA TYR B 70 9.84 8.62 -41.30
C TYR B 70 9.28 8.62 -39.87
N GLN B 71 9.47 9.74 -39.17
CA GLN B 71 9.04 9.74 -37.78
C GLN B 71 8.93 11.17 -37.27
N TYR B 72 8.24 11.30 -36.13
CA TYR B 72 8.22 12.53 -35.34
C TYR B 72 9.64 12.92 -34.95
N VAL B 73 9.89 14.22 -34.91
CA VAL B 73 11.16 14.75 -34.46
C VAL B 73 10.92 15.66 -33.26
N ASP B 74 11.61 15.35 -32.15
CA ASP B 74 11.30 16.00 -30.88
C ASP B 74 11.74 17.46 -30.90
N THR B 75 10.78 18.36 -30.73
CA THR B 75 11.04 19.77 -30.76
C THR B 75 10.95 20.39 -29.38
N LEU B 76 10.86 19.57 -28.33
CA LEU B 76 10.64 20.09 -26.98
C LEU B 76 11.81 20.94 -26.52
N TYR B 77 13.03 20.39 -26.55
CA TYR B 77 14.22 21.12 -26.10
C TYR B 77 15.14 21.33 -27.29
N PRO B 78 14.97 22.41 -28.05
CA PRO B 78 15.77 22.59 -29.27
C PRO B 78 17.26 22.61 -28.97
N GLY B 79 18.00 21.79 -29.70
CA GLY B 79 19.44 21.71 -29.58
C GLY B 79 19.94 21.17 -28.25
N PHE B 80 19.06 20.64 -27.41
CA PHE B 80 19.52 20.07 -26.16
C PHE B 80 20.05 18.67 -26.42
N GLU B 81 21.26 18.41 -25.93
CA GLU B 81 21.91 17.11 -26.13
C GLU B 81 21.00 15.95 -25.77
N GLY B 82 20.33 16.03 -24.64
CA GLY B 82 19.58 14.88 -24.15
C GLY B 82 18.43 14.49 -25.05
N THR B 83 17.69 15.48 -25.57
CA THR B 83 16.63 15.18 -26.53
C THR B 83 17.19 14.88 -27.91
N GLU B 84 18.19 15.66 -28.35
CA GLU B 84 18.66 15.56 -29.72
C GLU B 84 19.41 14.26 -29.96
N MET B 85 20.04 13.69 -28.93
CA MET B 85 20.77 12.46 -29.16
C MET B 85 19.88 11.35 -29.72
N TRP B 86 18.56 11.40 -29.47
CA TRP B 86 17.66 10.39 -30.00
C TRP B 86 17.03 10.77 -31.34
N ASN B 87 16.89 12.06 -31.64
CA ASN B 87 16.37 12.55 -32.91
C ASN B 87 17.08 11.96 -34.13
N PRO B 88 16.35 11.80 -35.25
CA PRO B 88 16.95 11.20 -36.46
C PRO B 88 18.25 11.91 -36.81
N ASN B 89 19.26 11.11 -37.14
CA ASN B 89 20.59 11.62 -37.44
C ASN B 89 20.98 11.39 -38.90
N ARG B 90 19.99 11.06 -39.74
CA ARG B 90 20.16 10.96 -41.20
C ARG B 90 18.95 11.65 -41.83
N GLU B 91 18.85 11.61 -43.15
CA GLU B 91 17.65 12.11 -43.77
C GLU B 91 16.50 11.14 -43.59
N LEU B 92 15.28 11.69 -43.57
CA LEU B 92 14.10 10.85 -43.47
C LEU B 92 13.63 10.40 -44.84
N SER B 93 13.23 9.14 -44.90
CA SER B 93 12.68 8.56 -46.10
C SER B 93 11.82 7.38 -45.71
N GLU B 94 10.84 7.07 -46.56
CA GLU B 94 10.16 5.79 -46.46
C GLU B 94 11.01 4.68 -47.03
N ASP B 95 11.97 5.04 -47.88
CA ASP B 95 13.05 4.16 -48.30
C ASP B 95 14.04 4.08 -47.15
N CYS B 96 13.85 3.08 -46.28
CA CYS B 96 14.63 3.03 -45.05
C CYS B 96 14.85 1.61 -44.53
N LEU B 97 14.58 0.56 -45.32
CA LEU B 97 14.69 -0.81 -44.83
C LEU B 97 16.08 -1.34 -45.18
N TYR B 98 17.02 -1.06 -44.28
CA TYR B 98 18.43 -1.37 -44.46
C TYR B 98 18.95 -1.83 -43.11
N LEU B 99 20.01 -2.64 -43.12
CA LEU B 99 20.63 -3.10 -41.87
C LEU B 99 22.15 -2.97 -41.94
N ASN B 100 22.81 -3.20 -40.80
CA ASN B 100 24.24 -2.99 -40.64
C ASN B 100 24.90 -4.18 -39.97
N VAL B 101 26.12 -4.50 -40.42
CA VAL B 101 26.91 -5.60 -39.90
C VAL B 101 28.27 -5.05 -39.48
N TRP B 102 28.60 -5.20 -38.20
CA TRP B 102 29.97 -5.06 -37.74
C TRP B 102 30.54 -6.44 -37.46
N THR B 103 31.83 -6.61 -37.74
CA THR B 103 32.50 -7.88 -37.56
C THR B 103 33.98 -7.67 -37.23
N PRO B 104 34.57 -8.49 -36.36
CA PRO B 104 35.96 -8.27 -35.93
C PRO B 104 36.93 -8.16 -37.10
N TYR B 105 38.02 -7.35 -36.91
CA TYR B 105 38.79 -6.89 -38.07
C TYR B 105 39.22 -8.10 -38.87
N PRO B 106 40.15 -8.98 -38.38
CA PRO B 106 40.39 -10.18 -39.17
C PRO B 106 39.19 -11.10 -38.90
N ARG B 107 38.38 -11.30 -39.94
CA ARG B 107 37.14 -12.04 -39.80
C ARG B 107 37.40 -13.33 -39.04
N PRO B 108 36.63 -13.62 -38.00
CA PRO B 108 36.98 -14.76 -37.14
C PRO B 108 36.96 -16.05 -37.95
N THR B 109 37.98 -16.85 -37.77
CA THR B 109 38.08 -18.08 -38.53
C THR B 109 37.06 -19.11 -38.10
N SER B 110 36.57 -19.01 -36.87
CA SER B 110 35.59 -19.89 -36.29
C SER B 110 34.24 -19.18 -36.13
N PRO B 111 33.12 -19.93 -36.26
CA PRO B 111 31.79 -19.30 -36.19
C PRO B 111 31.57 -18.53 -34.91
N THR B 112 31.51 -17.21 -35.00
CA THR B 112 31.32 -16.61 -33.70
C THR B 112 29.86 -16.21 -33.50
N PRO B 113 29.41 -16.09 -32.25
CA PRO B 113 28.01 -15.72 -31.98
C PRO B 113 27.66 -14.32 -32.49
N VAL B 114 26.37 -14.13 -32.76
CA VAL B 114 25.83 -12.91 -33.37
C VAL B 114 24.87 -12.22 -32.42
N LEU B 115 25.05 -10.91 -32.26
CA LEU B 115 24.18 -10.05 -31.46
C LEU B 115 23.39 -9.14 -32.39
N VAL B 116 22.08 -9.28 -32.38
CA VAL B 116 21.22 -8.43 -33.17
C VAL B 116 20.60 -7.40 -32.24
N TRP B 117 20.73 -6.12 -32.59
CA TRP B 117 20.23 -5.00 -31.81
C TRP B 117 18.91 -4.46 -32.40
N ILE B 118 17.92 -4.23 -31.55
CA ILE B 118 16.65 -3.62 -31.98
C ILE B 118 16.43 -2.32 -31.19
N TYR B 119 16.44 -1.17 -31.89
CA TYR B 119 16.32 0.11 -31.22
C TYR B 119 14.90 0.35 -30.73
N GLY B 120 14.77 1.29 -29.79
CA GLY B 120 13.48 1.63 -29.19
C GLY B 120 12.99 3.03 -29.58
N GLY B 121 12.20 3.65 -28.72
CA GLY B 121 11.58 4.90 -29.10
C GLY B 121 10.10 4.78 -29.31
N GLY B 122 9.46 3.99 -28.42
CA GLY B 122 8.01 3.86 -28.31
C GLY B 122 7.28 3.51 -29.59
N PHE B 123 7.94 2.78 -30.49
CA PHE B 123 7.39 2.37 -31.79
C PHE B 123 7.04 3.55 -32.68
N TYR B 124 7.39 4.77 -32.30
CA TYR B 124 7.11 5.94 -33.13
C TYR B 124 8.37 6.64 -33.60
N SER B 125 9.56 6.15 -33.24
CA SER B 125 10.80 6.86 -33.54
C SER B 125 11.96 5.90 -33.37
N GLY B 126 13.15 6.38 -33.69
CA GLY B 126 14.36 5.62 -33.55
C GLY B 126 14.98 5.28 -34.89
N ALA B 127 16.24 4.82 -34.84
CA ALA B 127 17.01 4.52 -36.04
C ALA B 127 18.32 3.87 -35.64
N SER B 128 18.72 2.83 -36.38
CA SER B 128 19.97 2.11 -36.16
C SER B 128 21.20 2.95 -36.41
N SER B 129 21.04 4.11 -37.05
CA SER B 129 22.13 4.99 -37.43
C SER B 129 22.59 5.91 -36.30
N LEU B 130 22.07 5.75 -35.09
CA LEU B 130 22.31 6.71 -34.02
C LEU B 130 23.67 6.45 -33.38
N ASP B 131 24.30 7.54 -32.89
CA ASP B 131 25.68 7.43 -32.43
C ASP B 131 25.84 6.49 -31.24
N VAL B 132 24.84 6.42 -30.37
CA VAL B 132 24.94 5.53 -29.22
C VAL B 132 24.78 4.06 -29.58
N TYR B 133 24.42 3.75 -30.83
CA TYR B 133 24.34 2.36 -31.29
C TYR B 133 25.55 1.95 -32.13
N ASP B 134 26.57 2.78 -32.24
CA ASP B 134 27.81 2.39 -32.93
C ASP B 134 28.42 1.11 -32.37
N GLY B 135 28.35 0.02 -33.16
CA GLY B 135 28.80 -1.27 -32.70
C GLY B 135 30.29 -1.55 -32.77
N ARG B 136 31.11 -0.61 -33.24
CA ARG B 136 32.53 -0.91 -33.39
C ARG B 136 33.17 -1.33 -32.08
N PHE B 137 32.72 -0.75 -30.95
CA PHE B 137 33.44 -0.97 -29.70
C PHE B 137 33.11 -2.32 -29.10
N LEU B 138 31.84 -2.68 -29.13
CA LEU B 138 31.44 -4.02 -28.71
C LEU B 138 32.16 -5.07 -29.53
N VAL B 139 32.13 -4.92 -30.86
CA VAL B 139 32.71 -5.91 -31.75
C VAL B 139 34.24 -5.96 -31.58
N GLN B 140 34.90 -4.82 -31.35
CA GLN B 140 36.35 -4.86 -31.18
C GLN B 140 36.73 -5.56 -29.88
N ALA B 141 35.98 -5.33 -28.81
CA ALA B 141 36.46 -5.76 -27.51
C ALA B 141 36.03 -7.17 -27.14
N GLU B 142 34.93 -7.67 -27.70
CA GLU B 142 34.48 -9.03 -27.41
C GLU B 142 34.41 -9.92 -28.65
N ARG B 143 35.02 -9.51 -29.76
CA ARG B 143 35.07 -10.22 -31.04
C ARG B 143 33.80 -11.06 -31.29
N THR B 144 32.64 -10.42 -31.29
CA THR B 144 31.42 -11.07 -31.77
C THR B 144 30.89 -10.25 -32.95
N VAL B 145 30.08 -10.89 -33.78
CA VAL B 145 29.38 -10.15 -34.83
C VAL B 145 28.23 -9.38 -34.21
N LEU B 146 28.01 -8.14 -34.67
CA LEU B 146 26.85 -7.34 -34.29
C LEU B 146 26.06 -6.94 -35.53
N VAL B 147 24.73 -6.95 -35.41
CA VAL B 147 23.82 -6.58 -36.49
C VAL B 147 22.74 -5.68 -35.92
N SER B 148 22.39 -4.63 -36.65
CA SER B 148 21.26 -3.79 -36.27
C SER B 148 20.48 -3.46 -37.53
N MET B 149 19.17 -3.22 -37.37
CA MET B 149 18.31 -2.94 -38.51
C MET B 149 17.44 -1.72 -38.25
N ASN B 150 17.07 -1.04 -39.35
CA ASN B 150 15.96 -0.09 -39.34
C ASN B 150 14.64 -0.82 -39.55
N TYR B 151 13.59 -0.32 -38.89
CA TYR B 151 12.24 -0.84 -39.08
C TYR B 151 11.25 0.31 -38.99
N ARG B 152 10.19 0.21 -39.79
CA ARG B 152 9.18 1.27 -39.88
C ARG B 152 8.51 1.54 -38.53
N VAL B 153 8.33 2.82 -38.21
CA VAL B 153 7.75 3.23 -36.95
C VAL B 153 6.50 4.06 -37.21
N GLY B 154 5.77 4.34 -36.13
CA GLY B 154 4.58 5.17 -36.19
C GLY B 154 3.53 4.54 -37.08
N ALA B 155 2.81 5.36 -37.84
CA ALA B 155 1.80 4.80 -38.72
C ALA B 155 2.43 3.92 -39.81
N PHE B 156 3.61 4.29 -40.30
CA PHE B 156 4.23 3.56 -41.39
C PHE B 156 4.54 2.12 -41.03
N GLY B 157 4.62 1.81 -39.73
CA GLY B 157 4.90 0.46 -39.31
C GLY B 157 3.77 -0.22 -38.53
N PHE B 158 2.77 0.56 -38.06
CA PHE B 158 1.80 -0.05 -37.15
C PHE B 158 0.37 0.46 -37.28
N LEU B 159 0.05 1.35 -38.23
CA LEU B 159 -1.35 1.62 -38.49
C LEU B 159 -1.99 0.33 -38.94
N ALA B 160 -3.16 0.02 -38.37
CA ALA B 160 -3.78 -1.27 -38.64
C ALA B 160 -5.27 -1.10 -38.79
N LEU B 161 -5.83 -1.70 -39.85
CA LEU B 161 -7.26 -1.90 -39.96
C LEU B 161 -7.46 -3.40 -39.85
N PRO B 162 -7.54 -3.96 -38.62
CA PRO B 162 -7.55 -5.42 -38.48
C PRO B 162 -8.51 -6.10 -39.43
N GLY B 163 -7.90 -6.94 -40.27
CA GLY B 163 -8.60 -7.80 -41.19
C GLY B 163 -8.74 -7.28 -42.60
N SER B 164 -7.78 -6.51 -43.10
CA SER B 164 -8.04 -5.72 -44.28
C SER B 164 -7.23 -6.10 -45.50
N ARG B 165 -6.09 -6.76 -45.32
CA ARG B 165 -5.12 -7.04 -46.38
C ARG B 165 -4.44 -5.76 -46.83
N GLU B 166 -4.87 -4.60 -46.34
CA GLU B 166 -4.38 -3.31 -46.79
C GLU B 166 -3.59 -2.57 -45.73
N ALA B 167 -4.02 -2.66 -44.47
CA ALA B 167 -3.21 -2.33 -43.30
C ALA B 167 -3.28 -3.49 -42.33
N PRO B 168 -2.66 -4.61 -42.67
CA PRO B 168 -2.68 -5.80 -41.79
C PRO B 168 -2.15 -5.56 -40.42
N GLY B 169 -1.38 -4.51 -40.19
CA GLY B 169 -0.83 -4.26 -38.88
C GLY B 169 0.48 -4.99 -38.64
N ASN B 170 1.21 -4.52 -37.62
CA ASN B 170 2.50 -5.07 -37.24
C ASN B 170 3.50 -5.20 -38.41
N VAL B 171 3.39 -4.36 -39.45
CA VAL B 171 4.38 -4.51 -40.51
C VAL B 171 5.77 -4.10 -40.03
N GLY B 172 5.86 -3.25 -39.01
CA GLY B 172 7.17 -2.94 -38.47
C GLY B 172 7.83 -4.13 -37.83
N LEU B 173 7.03 -5.00 -37.20
CA LEU B 173 7.58 -6.23 -36.63
C LEU B 173 8.01 -7.21 -37.72
N LEU B 174 7.22 -7.31 -38.79
CA LEU B 174 7.64 -8.11 -39.94
C LEU B 174 8.93 -7.59 -40.55
N ASP B 175 9.07 -6.26 -40.63
CA ASP B 175 10.35 -5.66 -40.99
C ASP B 175 11.48 -6.28 -40.20
N GLN B 176 11.36 -6.28 -38.87
CA GLN B 176 12.38 -6.91 -38.04
C GLN B 176 12.55 -8.39 -38.38
N ARG B 177 11.45 -9.13 -38.47
CA ARG B 177 11.54 -10.55 -38.75
C ARG B 177 12.32 -10.79 -40.02
N LEU B 178 11.98 -10.08 -41.11
CA LEU B 178 12.72 -10.18 -42.36
C LEU B 178 14.23 -10.03 -42.15
N ALA B 179 14.64 -8.99 -41.43
CA ALA B 179 16.06 -8.82 -41.10
C ALA B 179 16.62 -10.06 -40.38
N LEU B 180 15.90 -10.61 -39.40
CA LEU B 180 16.40 -11.80 -38.73
C LEU B 180 16.56 -12.97 -39.70
N GLN B 181 15.62 -13.11 -40.63
CA GLN B 181 15.81 -14.07 -41.70
C GLN B 181 17.07 -13.77 -42.49
N TRP B 182 17.29 -12.49 -42.84
CA TRP B 182 18.52 -12.12 -43.52
C TRP B 182 19.73 -12.59 -42.73
N VAL B 183 19.69 -12.40 -41.41
CA VAL B 183 20.80 -12.84 -40.56
C VAL B 183 21.02 -14.34 -40.71
N GLN B 184 19.92 -15.11 -40.79
CA GLN B 184 20.01 -16.55 -40.94
C GLN B 184 20.68 -16.96 -42.25
N GLU B 185 20.38 -16.25 -43.34
CA GLU B 185 20.97 -16.65 -44.61
C GLU B 185 22.38 -16.13 -44.79
N ASN B 186 22.71 -14.98 -44.19
CA ASN B 186 23.88 -14.24 -44.62
C ASN B 186 24.93 -13.97 -43.56
N VAL B 187 24.59 -13.99 -42.26
CA VAL B 187 25.61 -13.69 -41.26
C VAL B 187 26.80 -14.63 -41.34
N ALA B 188 26.61 -15.83 -41.90
CA ALA B 188 27.74 -16.73 -42.05
C ALA B 188 28.84 -16.12 -42.92
N ALA B 189 28.48 -15.22 -43.84
CA ALA B 189 29.48 -14.57 -44.69
C ALA B 189 30.43 -13.68 -43.90
N PHE B 190 30.03 -13.21 -42.73
CA PHE B 190 30.85 -12.31 -41.97
C PHE B 190 31.55 -13.00 -40.82
N GLY B 191 31.51 -14.33 -40.77
CA GLY B 191 32.08 -15.09 -39.67
C GLY B 191 31.14 -15.42 -38.53
N GLY B 192 29.84 -15.10 -38.69
CA GLY B 192 28.88 -15.30 -37.62
C GLY B 192 28.22 -16.67 -37.69
N ASP B 193 27.61 -17.04 -36.57
CA ASP B 193 27.02 -18.37 -36.42
C ASP B 193 25.51 -18.27 -36.37
N PRO B 194 24.80 -18.72 -37.41
CA PRO B 194 23.33 -18.62 -37.40
C PRO B 194 22.67 -19.50 -36.37
N THR B 195 23.41 -20.40 -35.70
CA THR B 195 22.86 -21.18 -34.61
C THR B 195 23.21 -20.59 -33.24
N SER B 196 23.55 -19.30 -33.17
CA SER B 196 23.88 -18.69 -31.88
C SER B 196 23.56 -17.20 -31.87
N VAL B 197 22.35 -16.84 -32.29
CA VAL B 197 21.95 -15.44 -32.45
C VAL B 197 21.23 -14.99 -31.19
N THR B 198 21.70 -13.91 -30.56
CA THR B 198 21.13 -13.36 -29.33
C THR B 198 20.56 -11.99 -29.61
N LEU B 199 19.23 -11.84 -29.49
CA LEU B 199 18.58 -10.53 -29.65
C LEU B 199 18.74 -9.68 -28.39
N PHE B 200 19.04 -8.39 -28.57
CA PHE B 200 18.95 -7.44 -27.46
C PHE B 200 18.42 -6.10 -27.94
N GLY B 201 17.62 -5.46 -27.08
CA GLY B 201 16.96 -4.21 -27.39
C GLY B 201 16.57 -3.47 -26.14
N GLU B 202 16.35 -2.17 -26.31
CA GLU B 202 15.94 -1.33 -25.18
C GLU B 202 14.58 -0.68 -25.47
N ALA B 204 10.94 0.08 -26.51
CA ALA B 204 10.12 -0.68 -27.46
C ALA B 204 10.94 -1.80 -28.16
N GLY B 205 12.26 -1.58 -28.23
CA GLY B 205 13.14 -2.64 -28.68
C GLY B 205 13.07 -3.85 -27.78
N ALA B 206 13.11 -3.62 -26.47
CA ALA B 206 12.96 -4.71 -25.54
C ALA B 206 11.56 -5.34 -25.66
N ALA B 207 10.53 -4.52 -25.77
CA ALA B 207 9.19 -5.06 -26.07
C ALA B 207 9.22 -5.85 -27.37
N SER B 208 9.95 -5.37 -28.38
CA SER B 208 10.01 -6.09 -29.65
C SER B 208 10.59 -7.48 -29.44
N VAL B 209 11.78 -7.56 -28.85
CA VAL B 209 12.38 -8.84 -28.48
C VAL B 209 11.34 -9.75 -27.86
N GLY B 210 10.59 -9.20 -26.89
CA GLY B 210 9.53 -9.96 -26.22
C GLY B 210 8.53 -10.55 -27.20
N MET B 211 8.02 -9.76 -28.13
CA MET B 211 7.02 -10.37 -28.99
C MET B 211 7.64 -11.39 -29.94
N HIS B 212 8.93 -11.27 -30.24
CA HIS B 212 9.57 -12.33 -31.00
C HIS B 212 9.67 -13.62 -30.19
N LEU B 213 9.77 -13.52 -28.87
CA LEU B 213 9.67 -14.72 -28.05
C LEU B 213 8.29 -15.38 -28.15
N LEU B 214 7.25 -14.59 -28.38
CA LEU B 214 5.88 -15.05 -28.30
C LEU B 214 5.25 -15.30 -29.66
N SER B 215 6.02 -15.21 -30.73
CA SER B 215 5.48 -15.45 -32.07
C SER B 215 6.29 -16.56 -32.71
N PRO B 216 5.70 -17.72 -32.93
CA PRO B 216 6.46 -18.90 -33.33
C PRO B 216 7.36 -18.65 -34.53
N PRO B 217 6.89 -18.01 -35.61
CA PRO B 217 7.74 -17.93 -36.82
C PRO B 217 9.02 -17.18 -36.61
N SER B 218 9.18 -16.49 -35.48
CA SER B 218 10.45 -15.86 -35.11
C SER B 218 11.30 -16.73 -34.19
N ARG B 219 10.70 -17.74 -33.56
CA ARG B 219 11.37 -18.45 -32.50
C ARG B 219 12.55 -19.27 -33.00
N GLY B 220 12.58 -19.56 -34.30
CA GLY B 220 13.70 -20.28 -34.85
C GLY B 220 14.67 -19.36 -35.59
N LEU B 221 14.66 -18.08 -35.26
CA LEU B 221 15.59 -17.13 -35.86
C LEU B 221 16.55 -16.57 -34.84
N PHE B 222 16.52 -17.08 -33.61
CA PHE B 222 17.44 -16.69 -32.55
C PHE B 222 17.29 -17.68 -31.41
N HIS B 223 18.15 -17.53 -30.39
CA HIS B 223 18.29 -18.54 -29.33
C HIS B 223 18.37 -17.97 -27.93
N ARG B 224 18.79 -16.72 -27.75
CA ARG B 224 18.79 -16.03 -26.47
C ARG B 224 18.22 -14.64 -26.67
N ALA B 225 17.98 -13.93 -25.57
CA ALA B 225 17.18 -12.73 -25.64
C ALA B 225 17.52 -11.85 -24.46
N VAL B 226 17.76 -10.58 -24.73
CA VAL B 226 18.06 -9.57 -23.71
C VAL B 226 17.01 -8.47 -23.81
N LEU B 227 16.27 -8.24 -22.72
CA LEU B 227 15.26 -7.19 -22.68
C LEU B 227 15.68 -6.13 -21.67
N GLN B 228 16.05 -4.93 -22.17
CA GLN B 228 16.48 -3.80 -21.35
C GLN B 228 15.37 -2.75 -21.27
N SER B 229 14.73 -2.65 -20.10
CA SER B 229 13.73 -1.59 -19.81
C SER B 229 12.59 -1.61 -20.82
N GLY B 230 11.96 -2.76 -20.98
CA GLY B 230 10.81 -2.86 -21.86
C GLY B 230 10.28 -4.27 -21.76
N ALA B 231 9.01 -4.49 -22.07
CA ALA B 231 8.40 -5.81 -21.95
C ALA B 231 7.19 -5.82 -22.86
N PRO B 232 6.83 -6.96 -23.45
CA PRO B 232 5.68 -6.93 -24.37
C PRO B 232 4.36 -6.82 -23.64
N ASN B 233 4.31 -7.25 -22.38
CA ASN B 233 3.10 -7.09 -21.59
C ASN B 233 2.90 -5.67 -21.05
N GLY B 234 3.80 -4.73 -21.32
CA GLY B 234 3.60 -3.35 -20.94
C GLY B 234 2.20 -2.86 -21.29
N PRO B 235 1.65 -1.92 -20.48
CA PRO B 235 0.37 -1.29 -20.85
C PRO B 235 0.42 -0.49 -22.13
N TRP B 236 1.60 -0.02 -22.51
CA TRP B 236 1.79 0.82 -23.67
C TRP B 236 2.19 0.04 -24.92
N ALA B 237 2.53 -1.25 -24.80
CA ALA B 237 3.21 -1.91 -25.89
C ALA B 237 2.27 -2.56 -26.90
N THR B 238 0.99 -2.70 -26.58
CA THR B 238 0.07 -3.41 -27.45
C THR B 238 -1.27 -2.70 -27.46
N VAL B 239 -2.13 -3.09 -28.39
CA VAL B 239 -3.41 -2.44 -28.54
C VAL B 239 -4.39 -3.44 -29.15
N GLY B 240 -5.66 -3.33 -28.74
CA GLY B 240 -6.66 -4.27 -29.23
C GLY B 240 -7.14 -3.90 -30.62
N MET B 241 -7.66 -4.90 -31.34
CA MET B 241 -8.08 -4.67 -32.72
C MET B 241 -9.09 -3.54 -32.80
N GLY B 242 -10.02 -3.49 -31.84
CA GLY B 242 -11.02 -2.45 -31.86
C GLY B 242 -10.40 -1.07 -31.75
N GLU B 243 -9.46 -0.91 -30.82
CA GLU B 243 -8.74 0.34 -30.68
C GLU B 243 -7.95 0.66 -31.96
N ALA B 244 -7.03 -0.23 -32.36
CA ALA B 244 -6.29 -0.06 -33.60
C ALA B 244 -7.16 0.48 -34.72
N ARG B 245 -8.33 -0.13 -34.93
CA ARG B 245 -9.22 0.29 -36.01
C ARG B 245 -9.73 1.70 -35.79
N ARG B 246 -10.12 1.98 -34.56
CA ARG B 246 -10.64 3.29 -34.19
C ARG B 246 -9.57 4.37 -34.38
N ARG B 247 -8.37 4.14 -33.84
CA ARG B 247 -7.26 5.06 -34.03
C ARG B 247 -6.93 5.26 -35.51
N ALA B 248 -6.93 4.18 -36.30
CA ALA B 248 -6.61 4.33 -37.71
C ALA B 248 -7.66 5.18 -38.43
N THR B 249 -8.95 4.87 -38.24
CA THR B 249 -9.97 5.64 -38.94
C THR B 249 -10.00 7.10 -38.48
N GLN B 250 -9.60 7.35 -37.23
CA GLN B 250 -9.47 8.72 -36.74
C GLN B 250 -8.40 9.48 -37.52
N LEU B 251 -7.19 8.92 -37.62
CA LEU B 251 -6.16 9.53 -38.45
C LEU B 251 -6.65 9.84 -39.85
N ALA B 252 -7.46 8.94 -40.42
CA ALA B 252 -7.96 9.18 -41.76
C ALA B 252 -8.92 10.35 -41.82
N HIS B 253 -9.80 10.45 -40.81
CA HIS B 253 -10.72 11.58 -40.77
C HIS B 253 -9.96 12.84 -40.41
N LEU B 254 -9.00 12.72 -39.50
CA LEU B 254 -8.13 13.82 -39.08
C LEU B 254 -7.26 14.35 -40.20
N VAL B 255 -7.16 13.62 -41.31
CA VAL B 255 -6.35 14.00 -42.46
C VAL B 255 -7.21 14.17 -43.70
N GLY B 256 -8.54 13.99 -43.57
CA GLY B 256 -9.49 14.21 -44.64
C GLY B 256 -9.56 13.05 -45.62
N CYS B 257 -10.39 12.05 -45.35
CA CYS B 257 -10.49 10.86 -46.20
C CYS B 257 -11.94 10.51 -46.49
N PRO B 258 -12.58 11.26 -47.39
CA PRO B 258 -14.04 11.23 -47.55
C PRO B 258 -14.46 10.28 -48.67
N PRO B 259 -15.78 10.14 -48.92
CA PRO B 259 -16.26 9.29 -50.04
C PRO B 259 -15.70 9.71 -51.40
N GLY B 264 -15.39 -0.52 -51.01
CA GLY B 264 -15.71 -0.60 -49.59
C GLY B 264 -15.02 0.42 -48.68
N ASN B 265 -15.75 0.97 -47.71
CA ASN B 265 -15.26 2.06 -46.87
C ASN B 265 -14.16 1.58 -45.93
N ASP B 266 -13.22 0.79 -46.48
CA ASP B 266 -12.13 0.19 -45.73
C ASP B 266 -10.90 0.00 -46.62
N THR B 267 -11.13 -0.37 -47.87
CA THR B 267 -10.06 -0.34 -48.87
C THR B 267 -10.00 1.02 -49.56
N GLU B 268 -11.14 1.67 -49.77
CA GLU B 268 -11.15 3.08 -50.10
C GLU B 268 -10.35 3.88 -49.08
N LEU B 269 -10.54 3.56 -47.79
CA LEU B 269 -9.92 4.31 -46.73
C LEU B 269 -8.40 4.37 -46.87
N VAL B 270 -7.76 3.21 -47.08
CA VAL B 270 -6.30 3.20 -47.08
C VAL B 270 -5.72 3.84 -48.34
N ALA B 271 -6.45 3.80 -49.46
CA ALA B 271 -5.94 4.45 -50.65
C ALA B 271 -5.77 5.94 -50.40
N CYS B 272 -6.72 6.56 -49.71
CA CYS B 272 -6.59 7.97 -49.37
C CYS B 272 -5.39 8.19 -48.47
N LEU B 273 -5.22 7.37 -47.43
CA LEU B 273 -3.99 7.46 -46.64
C LEU B 273 -2.75 7.28 -47.50
N ARG B 274 -2.84 6.43 -48.52
CA ARG B 274 -1.73 6.18 -49.43
C ARG B 274 -1.45 7.34 -50.38
N THR B 275 -2.21 8.42 -50.34
CA THR B 275 -1.90 9.58 -51.15
C THR B 275 -1.31 10.72 -50.36
N ARG B 276 -1.65 10.82 -49.10
CA ARG B 276 -1.17 11.92 -48.29
C ARG B 276 0.34 11.82 -48.09
N PRO B 277 1.05 12.95 -48.15
CA PRO B 277 2.51 12.94 -47.92
C PRO B 277 2.88 12.49 -46.51
N ALA B 278 4.09 11.95 -46.37
CA ALA B 278 4.47 11.33 -45.10
C ALA B 278 4.37 12.32 -43.94
N GLN B 279 4.80 13.57 -44.13
CA GLN B 279 4.81 14.49 -42.99
C GLN B 279 3.39 14.74 -42.48
N VAL B 280 2.44 14.94 -43.41
CA VAL B 280 1.06 15.22 -42.99
C VAL B 280 0.52 14.12 -42.06
N LEU B 281 0.94 12.86 -42.27
CA LEU B 281 0.54 11.82 -41.33
C LEU B 281 1.24 12.02 -40.01
N VAL B 282 2.56 12.23 -40.03
CA VAL B 282 3.29 12.42 -38.80
C VAL B 282 2.68 13.55 -37.99
N ASN B 283 2.21 14.61 -38.66
CA ASN B 283 1.67 15.77 -37.98
C ASN B 283 0.53 15.39 -37.06
N HIS B 284 -0.46 14.74 -37.61
CA HIS B 284 -1.66 14.44 -36.88
C HIS B 284 -1.60 13.12 -36.12
N GLU B 285 -0.42 12.55 -35.95
CA GLU B 285 -0.37 11.20 -35.38
C GLU B 285 -0.65 11.21 -33.89
N TRP B 286 -0.25 12.26 -33.15
CA TRP B 286 -0.43 12.24 -31.70
C TRP B 286 -1.84 12.62 -31.28
N HIS B 287 -2.62 13.20 -32.20
CA HIS B 287 -3.98 13.57 -31.88
C HIS B 287 -4.89 12.35 -31.79
N VAL B 288 -4.50 11.26 -32.44
CA VAL B 288 -5.29 10.04 -32.48
C VAL B 288 -5.48 9.41 -31.10
N LEU B 289 -4.48 9.53 -30.21
CA LEU B 289 -4.49 8.97 -28.85
C LEU B 289 -5.83 9.19 -28.15
N PRO B 290 -6.25 8.24 -27.27
CA PRO B 290 -7.60 8.28 -26.69
C PRO B 290 -7.76 9.40 -25.68
N GLN B 291 -6.96 9.39 -24.63
CA GLN B 291 -6.97 10.48 -23.66
C GLN B 291 -5.59 11.10 -23.53
N GLU B 292 -5.54 12.32 -22.98
CA GLU B 292 -4.28 12.94 -22.57
C GLU B 292 -3.46 12.00 -21.70
N SER B 293 -2.16 11.89 -22.01
CA SER B 293 -1.39 10.80 -21.40
C SER B 293 0.10 11.04 -21.57
N VAL B 294 0.90 10.33 -20.78
CA VAL B 294 2.31 10.12 -21.05
C VAL B 294 2.57 8.62 -21.18
N PHE B 295 3.72 8.27 -21.76
CA PHE B 295 4.10 6.88 -22.00
C PHE B 295 2.98 6.14 -22.72
N ARG B 296 2.46 6.78 -23.76
CA ARG B 296 1.40 6.22 -24.58
C ARG B 296 1.66 6.71 -25.99
N PHE B 297 1.61 5.79 -26.95
CA PHE B 297 2.02 6.07 -28.31
C PHE B 297 0.96 5.56 -29.28
N SER B 298 0.65 6.39 -30.28
CA SER B 298 -0.55 6.23 -31.08
C SER B 298 -0.60 4.88 -31.80
N PHE B 299 0.51 4.47 -32.42
CA PHE B 299 0.52 3.31 -33.31
C PHE B 299 1.55 2.30 -32.83
N VAL B 300 1.06 1.16 -32.32
CA VAL B 300 1.89 0.12 -31.72
C VAL B 300 1.43 -1.25 -32.23
N PRO B 301 2.14 -2.35 -31.92
CA PRO B 301 1.64 -3.69 -32.28
C PRO B 301 0.20 -3.93 -31.85
N VAL B 302 -0.59 -4.47 -32.78
CA VAL B 302 -1.98 -4.87 -32.53
C VAL B 302 -2.03 -6.36 -32.22
N VAL B 303 -2.95 -6.75 -31.36
CA VAL B 303 -3.22 -8.16 -31.08
C VAL B 303 -4.24 -8.63 -32.12
N ASP B 304 -3.74 -9.03 -33.29
CA ASP B 304 -4.60 -9.42 -34.41
C ASP B 304 -4.90 -10.93 -34.45
N GLY B 305 -4.01 -11.76 -33.91
CA GLY B 305 -4.14 -13.19 -34.07
C GLY B 305 -3.24 -13.80 -35.11
N ASP B 306 -2.56 -12.97 -35.93
CA ASP B 306 -1.49 -13.45 -36.80
C ASP B 306 -0.19 -13.36 -36.04
N PHE B 307 0.35 -12.15 -35.92
CA PHE B 307 1.66 -12.05 -35.30
C PHE B 307 1.57 -12.34 -33.83
N LEU B 308 0.53 -11.87 -33.18
CA LEU B 308 0.33 -12.10 -31.76
C LEU B 308 -0.93 -12.93 -31.61
N SER B 309 -0.75 -14.20 -31.26
CA SER B 309 -1.87 -15.13 -31.24
C SER B 309 -2.92 -14.68 -30.23
N ASP B 310 -2.48 -14.10 -29.12
CA ASP B 310 -3.35 -13.63 -28.05
C ASP B 310 -2.64 -12.44 -27.41
N THR B 311 -3.25 -11.84 -26.40
CA THR B 311 -2.55 -10.77 -25.70
C THR B 311 -1.22 -11.30 -25.19
N PRO B 312 -0.21 -10.44 -25.04
CA PRO B 312 1.05 -10.94 -24.49
C PRO B 312 0.89 -11.51 -23.10
N GLU B 313 0.01 -10.94 -22.28
CA GLU B 313 -0.11 -11.49 -20.94
C GLU B 313 -0.58 -12.93 -21.01
N ALA B 314 -1.37 -13.26 -22.03
CA ALA B 314 -1.81 -14.64 -22.22
C ALA B 314 -0.68 -15.51 -22.75
N LEU B 315 0.06 -15.02 -23.73
CA LEU B 315 1.08 -15.85 -24.35
C LEU B 315 2.20 -16.16 -23.36
N ILE B 316 2.51 -15.21 -22.47
CA ILE B 316 3.48 -15.44 -21.41
C ILE B 316 3.04 -16.53 -20.47
N ASN B 317 1.75 -16.60 -20.17
CA ASN B 317 1.31 -17.47 -19.09
C ASN B 317 1.51 -18.94 -19.43
N ALA B 318 1.38 -19.30 -20.71
CA ALA B 318 1.50 -20.68 -21.15
C ALA B 318 2.25 -20.66 -22.48
N GLY B 319 3.57 -20.49 -22.40
CA GLY B 319 4.42 -20.44 -23.56
C GLY B 319 5.34 -21.62 -23.67
N ASP B 320 6.36 -21.48 -24.52
CA ASP B 320 7.36 -22.51 -24.79
C ASP B 320 8.69 -21.91 -24.38
N PHE B 321 8.99 -21.95 -23.07
CA PHE B 321 10.12 -21.18 -22.58
C PHE B 321 11.22 -22.01 -21.96
N HIS B 322 11.05 -23.31 -21.82
CA HIS B 322 12.12 -24.13 -21.25
C HIS B 322 13.34 -24.09 -22.16
N GLY B 323 14.52 -24.08 -21.54
CA GLY B 323 15.77 -23.98 -22.27
C GLY B 323 16.14 -22.59 -22.75
N LEU B 324 15.21 -21.65 -22.75
CA LEU B 324 15.51 -20.28 -23.17
C LEU B 324 16.39 -19.62 -22.14
N GLN B 325 17.31 -18.78 -22.61
CA GLN B 325 18.06 -17.93 -21.69
C GLN B 325 17.74 -16.49 -21.96
N VAL B 326 17.42 -15.75 -20.91
CA VAL B 326 16.97 -14.38 -21.03
C VAL B 326 17.76 -13.51 -20.05
N LEU B 327 18.28 -12.40 -20.54
CA LEU B 327 18.84 -11.36 -19.70
C LEU B 327 17.86 -10.19 -19.67
N VAL B 328 17.59 -9.69 -18.47
CA VAL B 328 16.46 -8.77 -18.27
C VAL B 328 16.81 -7.69 -17.25
N GLY B 329 16.36 -6.46 -17.49
CA GLY B 329 16.73 -5.43 -16.51
C GLY B 329 16.08 -4.07 -16.70
N VAL B 330 16.31 -3.20 -15.70
CA VAL B 330 15.79 -1.84 -15.68
C VAL B 330 16.85 -0.85 -15.21
N VAL B 331 16.60 0.42 -15.50
CA VAL B 331 17.37 1.51 -14.88
C VAL B 331 16.70 1.88 -13.57
N LYS B 332 17.34 2.77 -12.81
CA LYS B 332 16.88 3.04 -11.44
C LYS B 332 15.67 3.96 -11.42
N ASP B 333 15.63 4.93 -12.34
CA ASP B 333 14.57 5.95 -12.36
C ASP B 333 13.85 5.90 -13.71
N GLU B 334 13.10 4.82 -13.93
CA GLU B 334 12.51 4.58 -15.24
C GLU B 334 11.44 5.60 -15.63
N GLY B 335 10.80 6.26 -14.68
CA GLY B 335 9.69 7.14 -15.04
C GLY B 335 10.04 8.58 -15.37
N SER B 336 11.12 9.11 -14.77
CA SER B 336 11.31 10.55 -14.68
C SER B 336 11.39 11.23 -16.05
N TYR B 337 11.95 10.56 -17.06
CA TYR B 337 12.07 11.19 -18.37
C TYR B 337 10.70 11.53 -18.96
N PHE B 338 9.73 10.63 -18.83
CA PHE B 338 8.44 10.86 -19.47
C PHE B 338 7.66 11.96 -18.79
N LEU B 339 8.04 12.32 -17.56
CA LEU B 339 7.21 13.26 -16.81
C LEU B 339 7.25 14.65 -17.43
N VAL B 340 8.38 15.03 -18.03
CA VAL B 340 8.46 16.35 -18.66
C VAL B 340 7.72 16.40 -19.97
N TYR B 341 7.17 15.29 -20.42
CA TYR B 341 6.42 15.24 -21.66
C TYR B 341 4.90 15.17 -21.43
N GLY B 342 4.41 15.74 -20.32
CA GLY B 342 2.98 15.74 -20.05
C GLY B 342 2.46 15.96 -18.63
N ALA B 343 3.27 15.67 -17.62
CA ALA B 343 2.83 15.84 -16.23
C ALA B 343 2.87 17.33 -15.86
N PRO B 344 1.81 17.89 -15.27
CA PRO B 344 1.78 19.33 -15.00
C PRO B 344 2.89 19.73 -14.02
N GLY B 345 3.53 20.85 -14.34
CA GLY B 345 4.57 21.42 -13.51
C GLY B 345 5.94 20.80 -13.62
N PHE B 346 6.27 20.19 -14.77
CA PHE B 346 7.54 19.47 -14.94
C PHE B 346 8.34 20.12 -16.06
N SER B 347 9.59 20.49 -15.75
CA SER B 347 10.56 20.89 -16.76
C SER B 347 11.93 20.32 -16.41
N LYS B 348 12.75 20.14 -17.44
CA LYS B 348 14.15 19.79 -17.19
C LYS B 348 14.93 20.94 -16.57
N ASP B 349 14.34 22.13 -16.49
CA ASP B 349 15.10 23.31 -16.09
C ASP B 349 14.77 23.80 -14.68
N ASN B 350 13.68 23.38 -14.09
CA ASN B 350 13.45 23.67 -12.69
C ASN B 350 13.43 22.37 -11.91
N GLU B 351 13.22 22.48 -10.60
CA GLU B 351 13.29 21.30 -9.76
C GLU B 351 12.06 20.41 -9.87
N SER B 352 11.04 20.83 -10.62
CA SER B 352 9.82 20.07 -10.79
C SER B 352 9.19 19.73 -9.44
N LEU B 353 8.95 20.77 -8.64
CA LEU B 353 8.40 20.60 -7.29
C LEU B 353 6.90 20.82 -7.40
N ILE B 354 6.16 19.75 -7.67
CA ILE B 354 4.76 19.90 -7.99
C ILE B 354 3.96 20.04 -6.71
N SER B 355 2.66 20.31 -6.85
CA SER B 355 1.74 20.39 -5.74
C SER B 355 0.91 19.11 -5.66
N ARG B 356 0.19 18.96 -4.54
CA ARG B 356 -0.79 17.88 -4.44
C ARG B 356 -1.70 17.89 -5.66
N ALA B 357 -2.20 19.09 -5.99
CA ALA B 357 -3.15 19.22 -7.08
C ALA B 357 -2.54 18.75 -8.38
N GLU B 358 -1.31 19.20 -8.66
CA GLU B 358 -0.61 18.76 -9.85
C GLU B 358 -0.30 17.25 -9.80
N PHE B 359 0.06 16.75 -8.62
CA PHE B 359 0.33 15.32 -8.47
C PHE B 359 -0.90 14.49 -8.81
N LEU B 360 -2.06 14.88 -8.30
CA LEU B 360 -3.30 14.17 -8.60
C LEU B 360 -3.58 14.16 -10.09
N ALA B 361 -3.42 15.33 -10.73
CA ALA B 361 -3.62 15.40 -12.18
C ALA B 361 -2.62 14.51 -12.93
N GLY B 362 -1.35 14.58 -12.57
CA GLY B 362 -0.36 13.77 -13.24
C GLY B 362 -0.64 12.28 -13.11
N VAL B 363 -1.29 11.88 -12.01
CA VAL B 363 -1.64 10.47 -11.86
C VAL B 363 -2.58 10.02 -12.97
N ARG B 364 -3.53 10.88 -13.34
CA ARG B 364 -4.49 10.49 -14.36
C ARG B 364 -4.00 10.68 -15.80
N VAL B 365 -2.82 11.27 -16.02
CA VAL B 365 -2.17 11.12 -17.32
C VAL B 365 -1.11 10.04 -17.24
N GLY B 366 -0.59 9.76 -16.05
CA GLY B 366 0.35 8.66 -15.92
C GLY B 366 -0.35 7.31 -16.04
N VAL B 367 -1.48 7.17 -15.33
CA VAL B 367 -2.32 5.98 -15.47
C VAL B 367 -3.59 6.36 -16.22
N PRO B 368 -3.51 6.64 -17.52
CA PRO B 368 -4.70 7.05 -18.25
C PRO B 368 -5.62 5.87 -18.48
N GLN B 369 -6.88 6.20 -18.72
CA GLN B 369 -7.91 5.22 -19.03
C GLN B 369 -7.89 4.05 -18.02
N VAL B 370 -8.20 4.42 -16.79
CA VAL B 370 -8.61 3.48 -15.75
C VAL B 370 -9.77 4.14 -15.04
N SER B 371 -10.50 3.35 -14.26
CA SER B 371 -11.68 3.89 -13.61
C SER B 371 -11.27 4.93 -12.56
N ASP B 372 -12.22 5.81 -12.23
CA ASP B 372 -12.00 6.76 -11.16
C ASP B 372 -11.51 6.06 -9.89
N LEU B 373 -12.18 4.97 -9.52
CA LEU B 373 -11.78 4.23 -8.32
C LEU B 373 -10.34 3.75 -8.42
N ALA B 374 -9.92 3.28 -9.59
CA ALA B 374 -8.56 2.78 -9.71
C ALA B 374 -7.54 3.92 -9.61
N ALA B 375 -7.87 5.07 -10.16
CA ALA B 375 -7.03 6.25 -9.96
C ALA B 375 -6.84 6.53 -8.47
N GLU B 376 -7.94 6.55 -7.68
CA GLU B 376 -7.82 6.76 -6.24
C GLU B 376 -6.93 5.70 -5.60
N ALA B 377 -7.13 4.44 -5.98
CA ALA B 377 -6.21 3.38 -5.56
C ALA B 377 -4.74 3.79 -5.69
N VAL B 378 -4.33 4.24 -6.88
CA VAL B 378 -2.96 4.67 -7.07
C VAL B 378 -2.63 5.85 -6.17
N VAL B 379 -3.48 6.87 -6.18
CA VAL B 379 -3.17 8.10 -5.46
C VAL B 379 -2.90 7.79 -4.01
N LEU B 380 -3.76 6.96 -3.41
CA LEU B 380 -3.59 6.61 -2.02
C LEU B 380 -2.44 5.64 -1.83
N HIS B 381 -2.19 4.79 -2.81
CA HIS B 381 -1.11 3.81 -2.69
CA HIS B 381 -1.10 3.82 -2.67
C HIS B 381 0.27 4.43 -2.82
N TYR B 382 0.38 5.65 -3.37
CA TYR B 382 1.69 6.26 -3.60
C TYR B 382 1.91 7.58 -2.85
N THR B 383 0.90 8.11 -2.17
CA THR B 383 1.09 9.22 -1.26
C THR B 383 1.90 8.77 -0.05
N ASP B 384 2.63 9.68 0.54
CA ASP B 384 3.38 9.44 1.77
C ASP B 384 2.57 10.10 2.88
N TRP B 385 1.60 9.36 3.42
CA TRP B 385 0.59 10.00 4.29
C TRP B 385 1.18 10.67 5.53
N LEU B 386 2.50 10.62 5.68
CA LEU B 386 3.18 11.36 6.74
C LEU B 386 3.59 12.75 6.28
N HIS B 387 4.01 12.84 5.02
CA HIS B 387 4.40 14.09 4.36
C HIS B 387 3.67 14.08 3.03
N PRO B 388 2.35 14.34 3.04
CA PRO B 388 1.58 14.27 1.78
C PRO B 388 1.63 15.55 0.96
N GLU B 389 2.07 16.66 1.56
CA GLU B 389 2.16 17.93 0.86
C GLU B 389 3.52 18.22 0.28
N ASP B 390 4.51 17.37 0.51
CA ASP B 390 5.89 17.68 0.15
C ASP B 390 6.09 17.61 -1.36
N PRO B 391 6.46 18.71 -2.02
CA PRO B 391 6.65 18.69 -3.48
C PRO B 391 7.73 17.73 -3.94
N ALA B 392 8.89 17.72 -3.25
CA ALA B 392 9.98 16.81 -3.61
C ALA B 392 9.48 15.37 -3.69
N ARG B 393 8.76 14.92 -2.64
CA ARG B 393 8.29 13.55 -2.59
C ARG B 393 7.21 13.29 -3.62
N LEU B 394 6.24 14.22 -3.74
CA LEU B 394 5.20 14.08 -4.75
C LEU B 394 5.81 13.94 -6.14
N ARG B 395 6.87 14.69 -6.42
CA ARG B 395 7.58 14.51 -7.67
C ARG B 395 8.02 13.06 -7.78
N GLU B 396 9.01 12.68 -6.96
CA GLU B 396 9.57 11.33 -7.06
C GLU B 396 8.50 10.26 -7.00
N ALA B 397 7.43 10.50 -6.22
CA ALA B 397 6.33 9.55 -6.15
C ALA B 397 5.71 9.33 -7.52
N LEU B 398 5.39 10.42 -8.23
CA LEU B 398 4.83 10.26 -9.58
C LEU B 398 5.84 9.63 -10.51
N SER B 399 7.13 9.87 -10.27
CA SER B 399 8.15 9.16 -11.04
C SER B 399 8.03 7.66 -10.84
N ASP B 400 7.80 7.24 -9.60
CA ASP B 400 7.64 5.81 -9.34
C ASP B 400 6.37 5.28 -10.01
N VAL B 401 5.24 5.98 -9.83
CA VAL B 401 4.01 5.56 -10.49
C VAL B 401 4.29 5.23 -11.94
N VAL B 402 4.80 6.21 -12.69
CA VAL B 402 4.97 6.02 -14.13
C VAL B 402 5.99 4.92 -14.42
N GLY B 403 7.12 4.93 -13.70
CA GLY B 403 8.12 3.89 -13.90
C GLY B 403 7.59 2.50 -13.64
N ASP B 404 6.88 2.33 -12.51
CA ASP B 404 6.37 1.02 -12.11
C ASP B 404 5.32 0.50 -13.08
N HIS B 405 4.32 1.34 -13.42
CA HIS B 405 3.19 0.90 -14.23
C HIS B 405 3.63 0.45 -15.62
N ASN B 406 4.60 1.14 -16.21
CA ASN B 406 4.98 0.93 -17.60
C ASN B 406 6.18 0.03 -17.78
N VAL B 407 7.17 0.08 -16.90
CA VAL B 407 8.42 -0.63 -17.17
C VAL B 407 8.65 -1.67 -16.09
N VAL B 408 8.88 -1.22 -14.84
CA VAL B 408 9.41 -2.15 -13.84
C VAL B 408 8.48 -3.34 -13.63
N CYS B 409 7.23 -3.09 -13.27
CA CYS B 409 6.39 -4.24 -12.98
C CYS B 409 6.08 -5.12 -14.18
N PRO B 410 5.85 -4.57 -15.39
CA PRO B 410 5.69 -5.47 -16.55
C PRO B 410 6.93 -6.32 -16.82
N VAL B 411 8.12 -5.76 -16.60
CA VAL B 411 9.34 -6.56 -16.75
C VAL B 411 9.40 -7.61 -15.64
N ALA B 412 9.09 -7.23 -14.41
CA ALA B 412 9.14 -8.19 -13.30
C ALA B 412 8.16 -9.35 -13.52
N GLN B 413 6.95 -9.02 -13.99
CA GLN B 413 5.99 -10.07 -14.35
C GLN B 413 6.60 -11.02 -15.39
N LEU B 414 7.18 -10.46 -16.44
CA LEU B 414 7.80 -11.29 -17.47
C LEU B 414 8.84 -12.21 -16.88
N ALA B 415 9.70 -11.69 -16.00
CA ALA B 415 10.83 -12.48 -15.50
C ALA B 415 10.35 -13.72 -14.75
N GLY B 416 9.39 -13.56 -13.85
CA GLY B 416 8.96 -14.68 -13.04
C GLY B 416 8.26 -15.74 -13.85
N ARG B 417 7.47 -15.32 -14.84
CA ARG B 417 6.70 -16.30 -15.59
C ARG B 417 7.58 -17.13 -16.51
N LEU B 418 8.57 -16.51 -17.14
CA LEU B 418 9.59 -17.28 -17.85
C LEU B 418 10.30 -18.23 -16.90
N ALA B 419 10.76 -17.71 -15.77
CA ALA B 419 11.53 -18.52 -14.85
C ALA B 419 10.70 -19.67 -14.33
N ALA B 420 9.41 -19.40 -14.08
CA ALA B 420 8.47 -20.44 -13.67
C ALA B 420 8.41 -21.56 -14.69
N GLN B 421 8.40 -21.23 -15.97
CA GLN B 421 8.24 -22.23 -17.01
C GLN B 421 9.58 -22.73 -17.54
N GLY B 422 10.66 -22.47 -16.81
CA GLY B 422 11.96 -23.06 -17.07
C GLY B 422 12.85 -22.35 -18.06
N ALA B 423 12.84 -21.02 -18.02
CA ALA B 423 13.85 -20.21 -18.69
C ALA B 423 14.94 -19.87 -17.69
N ARG B 424 16.20 -19.88 -18.15
CA ARG B 424 17.33 -19.40 -17.34
C ARG B 424 17.33 -17.90 -17.49
N VAL B 425 16.96 -17.19 -16.43
CA VAL B 425 16.74 -15.75 -16.47
C VAL B 425 17.75 -15.07 -15.56
N TYR B 426 18.40 -14.02 -16.08
CA TYR B 426 19.28 -13.14 -15.31
C TYR B 426 18.74 -11.71 -15.35
N ALA B 427 18.74 -11.05 -14.19
CA ALA B 427 18.11 -9.74 -14.02
C ALA B 427 19.06 -8.76 -13.34
N TYR B 428 19.03 -7.49 -13.81
CA TYR B 428 19.89 -6.43 -13.31
C TYR B 428 19.07 -5.18 -13.07
N VAL B 429 19.62 -4.28 -12.26
CA VAL B 429 19.19 -2.87 -12.19
C VAL B 429 20.41 -1.98 -12.40
N PHE B 430 20.43 -1.27 -13.52
CA PHE B 430 21.47 -0.30 -13.88
C PHE B 430 21.24 0.97 -13.08
N GLU B 431 22.17 1.31 -12.19
CA GLU B 431 21.96 2.41 -11.28
C GLU B 431 23.21 3.28 -11.18
N HIS B 432 23.73 3.69 -12.33
CA HIS B 432 24.87 4.60 -12.36
C HIS B 432 24.67 5.73 -13.36
N ARG B 433 24.84 6.94 -12.87
CA ARG B 433 24.59 8.13 -13.67
C ARG B 433 25.85 8.55 -14.39
N ALA B 434 25.75 8.71 -15.72
CA ALA B 434 26.90 9.15 -16.50
C ALA B 434 27.32 10.55 -16.08
N SER B 435 28.62 10.75 -15.91
CA SER B 435 29.14 12.09 -15.66
C SER B 435 28.78 13.07 -16.78
N THR B 436 28.78 12.59 -18.03
CA THR B 436 28.30 13.34 -19.18
C THR B 436 26.83 13.77 -19.12
N LEU B 437 26.00 13.04 -18.37
CA LEU B 437 24.54 13.15 -18.49
C LEU B 437 24.07 14.59 -18.42
N SER B 438 23.27 14.99 -19.44
CA SER B 438 22.83 16.36 -19.62
C SER B 438 21.51 16.68 -18.91
N TRP B 439 20.68 15.66 -18.64
CA TRP B 439 19.39 15.85 -17.98
C TRP B 439 19.59 16.26 -16.52
N PRO B 440 18.62 16.94 -15.91
CA PRO B 440 18.83 17.49 -14.57
C PRO B 440 18.98 16.39 -13.55
N LEU B 441 19.50 16.78 -12.38
CA LEU B 441 19.83 15.82 -11.33
C LEU B 441 18.59 15.04 -10.86
N TRP B 442 17.44 15.72 -10.74
CA TRP B 442 16.25 15.09 -10.19
C TRP B 442 15.73 13.94 -11.04
N MET B 443 16.22 13.78 -12.25
CA MET B 443 15.78 12.69 -13.09
C MET B 443 16.57 11.41 -12.86
N GLY B 444 17.63 11.47 -12.05
CA GLY B 444 18.32 10.25 -11.64
C GLY B 444 18.99 9.53 -12.79
N VAL B 445 18.82 8.21 -12.84
CA VAL B 445 19.33 7.40 -13.95
C VAL B 445 18.15 7.12 -14.87
N PRO B 446 17.98 7.89 -15.93
CA PRO B 446 16.71 7.87 -16.66
C PRO B 446 16.69 6.81 -17.75
N HIS B 447 15.48 6.55 -18.24
CA HIS B 447 15.19 5.64 -19.34
C HIS B 447 16.15 5.84 -20.52
N GLY B 448 16.97 4.83 -20.78
CA GLY B 448 17.81 4.82 -21.96
C GLY B 448 19.27 5.13 -21.73
N TYR B 449 19.69 5.43 -20.51
CA TYR B 449 21.06 5.88 -20.31
C TYR B 449 21.94 4.78 -19.72
N GLU B 450 21.51 3.52 -19.85
CA GLU B 450 22.41 2.38 -19.78
C GLU B 450 22.98 2.02 -21.14
N ILE B 451 22.38 2.52 -22.21
CA ILE B 451 22.70 2.04 -23.55
C ILE B 451 24.16 2.35 -23.90
N GLU B 452 24.56 3.60 -23.71
CA GLU B 452 25.91 4.02 -24.08
C GLU B 452 26.97 3.20 -23.35
N PHE B 453 26.67 2.75 -22.13
CA PHE B 453 27.63 1.92 -21.41
C PHE B 453 27.67 0.52 -21.96
N ILE B 454 26.52 -0.01 -22.41
CA ILE B 454 26.52 -1.35 -22.99
C ILE B 454 27.29 -1.33 -24.30
N PHE B 455 27.14 -0.27 -25.07
CA PHE B 455 27.83 -0.19 -26.34
C PHE B 455 29.28 0.30 -26.23
N GLY B 456 29.83 0.41 -25.03
CA GLY B 456 31.24 0.75 -24.89
C GLY B 456 31.60 2.11 -25.42
N ILE B 457 30.67 3.05 -25.36
CA ILE B 457 30.88 4.41 -25.82
C ILE B 457 31.93 5.10 -24.95
N PRO B 458 32.07 4.81 -23.65
CA PRO B 458 33.18 5.42 -22.89
C PRO B 458 34.57 5.19 -23.46
N LEU B 459 34.73 4.32 -24.44
CA LEU B 459 36.04 4.12 -25.03
C LEU B 459 36.33 5.10 -26.17
N ASP B 460 35.37 5.96 -26.50
CA ASP B 460 35.52 6.90 -27.59
C ASP B 460 36.49 8.02 -27.22
N PRO B 461 37.60 8.19 -27.94
CA PRO B 461 38.53 9.28 -27.63
C PRO B 461 37.86 10.64 -27.56
N SER B 462 36.82 10.87 -28.36
CA SER B 462 36.06 12.12 -28.36
C SER B 462 35.50 12.41 -26.97
N ARG B 463 34.57 11.57 -26.52
CA ARG B 463 33.76 11.88 -25.35
C ARG B 463 34.62 11.99 -24.09
N ASN B 464 34.00 12.50 -23.03
CA ASN B 464 34.69 12.90 -21.81
C ASN B 464 34.37 11.99 -20.62
N TYR B 465 34.11 10.70 -20.86
CA TYR B 465 33.86 9.75 -19.78
C TYR B 465 35.08 9.63 -18.86
N THR B 466 34.90 8.93 -17.75
CA THR B 466 35.86 8.87 -16.66
C THR B 466 36.70 7.59 -16.78
N ALA B 467 37.91 7.62 -16.22
CA ALA B 467 38.65 6.39 -15.94
C ALA B 467 37.74 5.32 -15.33
N GLU B 468 37.06 5.65 -14.21
CA GLU B 468 36.17 4.70 -13.54
C GLU B 468 35.14 4.14 -14.51
N GLU B 469 34.71 4.95 -15.48
CA GLU B 469 33.67 4.52 -16.38
C GLU B 469 34.20 3.67 -17.51
N LYS B 470 35.42 3.95 -17.99
CA LYS B 470 36.01 3.11 -19.02
C LYS B 470 36.00 1.65 -18.62
N ILE B 471 36.48 1.34 -17.40
CA ILE B 471 36.53 -0.05 -16.95
C ILE B 471 35.13 -0.60 -16.74
N PHE B 472 34.23 0.23 -16.19
CA PHE B 472 32.83 -0.18 -16.02
C PHE B 472 32.23 -0.62 -17.34
N ALA B 473 32.40 0.19 -18.40
CA ALA B 473 31.82 -0.18 -19.68
C ALA B 473 32.42 -1.48 -20.21
N GLN B 474 33.74 -1.66 -20.07
CA GLN B 474 34.32 -2.92 -20.47
C GLN B 474 33.72 -4.09 -19.68
N ARG B 475 33.35 -3.84 -18.41
CA ARG B 475 32.73 -4.88 -17.61
C ARG B 475 31.34 -5.21 -18.11
N LEU B 476 30.57 -4.20 -18.52
CA LEU B 476 29.24 -4.44 -19.04
C LEU B 476 29.30 -5.19 -20.37
N MET B 477 30.14 -4.72 -21.30
CA MET B 477 30.32 -5.41 -22.57
C MET B 477 30.71 -6.87 -22.38
N ARG B 478 31.52 -7.17 -21.37
CA ARG B 478 31.83 -8.58 -21.11
C ARG B 478 30.60 -9.35 -20.65
N TYR B 479 29.83 -8.78 -19.71
CA TYR B 479 28.61 -9.44 -19.26
C TYR B 479 27.71 -9.77 -20.43
N TRP B 480 27.41 -8.78 -21.26
CA TRP B 480 26.56 -9.04 -22.42
C TRP B 480 27.23 -10.03 -23.37
N ALA B 481 28.55 -9.98 -23.49
CA ALA B 481 29.24 -10.86 -24.42
C ALA B 481 29.23 -12.31 -23.94
N ASN B 482 29.68 -12.52 -22.69
CA ASN B 482 29.50 -13.82 -22.05
C ASN B 482 28.08 -14.34 -22.20
N PHE B 483 27.08 -13.46 -22.08
CA PHE B 483 25.71 -13.95 -22.26
C PHE B 483 25.51 -14.48 -23.68
N ALA B 484 25.73 -13.62 -24.68
CA ALA B 484 25.48 -14.03 -26.06
C ALA B 484 26.30 -15.27 -26.43
N ARG B 485 27.47 -15.43 -25.83
CA ARG B 485 28.29 -16.62 -26.08
C ARG B 485 27.70 -17.87 -25.45
N THR B 486 27.21 -17.74 -24.21
CA THR B 486 27.01 -18.91 -23.38
C THR B 486 25.68 -18.95 -22.63
N GLY B 487 24.81 -17.98 -22.81
CA GLY B 487 23.60 -17.95 -22.01
C GLY B 487 23.82 -17.67 -20.55
N ASP B 488 24.99 -17.21 -20.16
CA ASP B 488 25.24 -16.88 -18.77
C ASP B 488 26.19 -15.68 -18.78
N PRO B 489 25.76 -14.53 -18.28
CA PRO B 489 26.67 -13.38 -18.24
C PRO B 489 27.85 -13.58 -17.33
N ASN B 490 27.79 -14.55 -16.43
CA ASN B 490 28.79 -14.65 -15.38
C ASN B 490 30.16 -14.91 -15.95
N GLU B 491 31.15 -14.20 -15.41
CA GLU B 491 32.54 -14.33 -15.81
C GLU B 491 32.98 -15.79 -15.70
N PRO B 492 33.16 -16.48 -16.85
CA PRO B 492 33.10 -17.95 -16.86
C PRO B 492 34.13 -18.59 -15.96
N ARG B 493 33.66 -19.28 -14.92
CA ARG B 493 34.52 -19.87 -13.88
C ARG B 493 35.39 -18.79 -13.25
N ASP B 494 34.82 -18.02 -12.34
CA ASP B 494 35.55 -16.92 -11.70
C ASP B 494 35.53 -17.03 -10.18
N PRO B 495 36.67 -17.32 -9.57
CA PRO B 495 36.73 -17.32 -8.09
C PRO B 495 36.65 -15.94 -7.50
N LYS B 496 36.86 -14.88 -8.29
CA LYS B 496 36.65 -13.54 -7.78
C LYS B 496 35.24 -13.44 -7.23
N ALA B 497 35.11 -12.82 -6.06
CA ALA B 497 33.88 -12.88 -5.27
C ALA B 497 32.57 -12.54 -5.97
N PRO B 498 32.46 -11.55 -6.85
CA PRO B 498 31.11 -11.25 -7.39
C PRO B 498 30.58 -12.38 -8.28
N GLN B 499 29.38 -12.82 -7.99
CA GLN B 499 28.80 -13.96 -8.69
C GLN B 499 27.30 -13.72 -8.94
N TRP B 500 26.93 -13.51 -10.20
CA TRP B 500 25.59 -13.08 -10.60
C TRP B 500 24.62 -14.26 -10.67
N PRO B 501 23.73 -14.41 -9.69
CA PRO B 501 22.88 -15.61 -9.62
C PRO B 501 21.60 -15.41 -10.40
N PRO B 502 21.02 -16.47 -10.93
CA PRO B 502 19.85 -16.30 -11.81
C PRO B 502 18.59 -15.92 -11.03
N TYR B 503 17.63 -15.35 -11.76
CA TYR B 503 16.38 -14.87 -11.18
C TYR B 503 15.38 -16.01 -11.16
N THR B 504 14.87 -16.31 -9.98
CA THR B 504 13.81 -17.29 -9.80
C THR B 504 12.55 -16.55 -9.40
N ALA B 505 11.42 -17.25 -9.57
CA ALA B 505 10.14 -16.67 -9.16
C ALA B 505 10.04 -16.54 -7.65
N GLY B 506 10.77 -17.36 -6.91
CA GLY B 506 10.70 -17.30 -5.46
C GLY B 506 11.64 -16.28 -4.88
N ALA B 507 12.95 -16.52 -5.01
CA ALA B 507 13.94 -15.66 -4.36
C ALA B 507 14.04 -14.30 -5.07
N GLN B 508 13.90 -14.29 -6.39
CA GLN B 508 13.84 -13.06 -7.18
C GLN B 508 15.11 -12.23 -7.01
N GLN B 509 16.27 -12.88 -7.17
CA GLN B 509 17.53 -12.19 -7.07
C GLN B 509 17.92 -11.51 -8.38
N TYR B 510 18.48 -10.31 -8.26
CA TYR B 510 19.04 -9.56 -9.38
C TYR B 510 20.28 -8.85 -8.88
N VAL B 511 21.04 -8.29 -9.80
CA VAL B 511 22.25 -7.58 -9.46
C VAL B 511 22.05 -6.10 -9.72
N SER B 512 22.77 -5.29 -8.94
CA SER B 512 22.88 -3.87 -9.20
C SER B 512 24.12 -3.65 -10.04
N LEU B 513 23.95 -3.04 -11.22
CA LEU B 513 25.06 -2.68 -12.08
C LEU B 513 25.42 -1.22 -11.85
N ASP B 514 26.54 -0.97 -11.17
CA ASP B 514 27.07 0.39 -11.05
C ASP B 514 28.57 0.27 -10.83
N LEU B 515 29.21 1.39 -10.49
CA LEU B 515 30.67 1.41 -10.40
C LEU B 515 31.17 0.44 -9.34
N ARG B 516 30.38 0.18 -8.30
CA ARG B 516 30.82 -0.81 -7.32
C ARG B 516 30.53 -2.21 -7.84
N PRO B 517 31.29 -3.21 -7.40
CA PRO B 517 31.03 -4.60 -7.83
C PRO B 517 29.62 -5.05 -7.49
N LEU B 518 29.15 -6.04 -8.24
CA LEU B 518 27.74 -6.45 -8.20
C LEU B 518 27.28 -6.74 -6.78
N GLU B 519 26.23 -6.03 -6.35
CA GLU B 519 25.44 -6.41 -5.19
C GLU B 519 24.29 -7.31 -5.64
N VAL B 520 24.03 -8.35 -4.86
CA VAL B 520 22.88 -9.25 -5.11
C VAL B 520 21.75 -8.83 -4.18
N ARG B 521 20.63 -8.44 -4.77
CA ARG B 521 19.49 -7.97 -4.02
C ARG B 521 18.30 -8.85 -4.35
N ARG B 522 17.30 -8.83 -3.47
CA ARG B 522 16.09 -9.62 -3.66
C ARG B 522 14.89 -8.72 -3.92
N GLY B 523 14.13 -9.03 -4.97
CA GLY B 523 12.88 -8.34 -5.19
C GLY B 523 12.93 -7.05 -6.00
N LEU B 524 12.45 -7.13 -7.25
CA LEU B 524 12.33 -5.97 -8.15
C LEU B 524 11.07 -5.17 -7.83
N ARG B 525 11.17 -4.30 -6.83
CA ARG B 525 10.02 -3.54 -6.35
C ARG B 525 8.89 -4.52 -6.03
N ALA B 526 9.21 -5.52 -5.22
CA ALA B 526 8.28 -6.60 -5.01
C ALA B 526 6.96 -6.09 -4.45
N GLN B 527 7.02 -5.32 -3.37
CA GLN B 527 5.79 -4.86 -2.72
C GLN B 527 4.98 -3.99 -3.65
N ALA B 528 5.65 -3.10 -4.38
CA ALA B 528 4.94 -2.22 -5.29
C ALA B 528 4.26 -3.00 -6.41
N CYS B 529 4.97 -3.93 -7.03
CA CYS B 529 4.40 -4.60 -8.19
C CYS B 529 3.25 -5.54 -7.82
N ALA B 530 3.14 -5.93 -6.54
CA ALA B 530 1.98 -6.71 -6.14
C ALA B 530 0.71 -5.93 -6.44
N PHE B 531 0.76 -4.62 -6.21
CA PHE B 531 -0.37 -3.75 -6.50
C PHE B 531 -0.71 -3.77 -7.98
N TRP B 532 0.30 -3.68 -8.84
CA TRP B 532 0.03 -3.46 -10.26
C TRP B 532 -0.28 -4.76 -11.01
N ASN B 533 0.43 -5.86 -10.69
CA ASN B 533 0.23 -7.11 -11.41
C ASN B 533 -0.88 -7.96 -10.82
N ARG B 534 -1.13 -7.85 -9.52
CA ARG B 534 -2.09 -8.70 -8.84
C ARG B 534 -3.38 -7.97 -8.47
N PHE B 535 -3.31 -6.90 -7.67
CA PHE B 535 -4.53 -6.30 -7.14
C PHE B 535 -5.27 -5.45 -8.16
N LEU B 536 -4.57 -4.51 -8.79
CA LEU B 536 -5.22 -3.57 -9.70
C LEU B 536 -6.11 -4.24 -10.74
N PRO B 537 -5.65 -5.27 -11.45
CA PRO B 537 -6.55 -5.94 -12.40
C PRO B 537 -7.88 -6.37 -11.79
N LYS B 538 -7.91 -6.78 -10.51
CA LYS B 538 -9.17 -7.14 -9.85
C LYS B 538 -10.14 -5.96 -9.78
N LEU B 539 -9.65 -4.78 -9.39
CA LEU B 539 -10.46 -3.57 -9.43
C LEU B 539 -11.05 -3.35 -10.80
N LEU B 540 -10.21 -3.47 -11.83
CA LEU B 540 -10.62 -3.11 -13.18
C LEU B 540 -11.72 -4.05 -13.69
N SER B 541 -11.61 -5.35 -13.44
CA SER B 541 -12.65 -6.27 -13.89
C SER B 541 -13.86 -6.26 -12.96
N ALA B 542 -13.63 -6.34 -11.64
CA ALA B 542 -14.73 -6.49 -10.67
C ALA B 542 -15.47 -5.19 -10.36
N THR B 543 -15.16 -4.08 -11.05
CA THR B 543 -15.98 -2.86 -10.94
C THR B 543 -16.19 -2.22 -12.32
#